data_6J66
#
_entry.id   6J66
#
_cell.length_a   116.426
_cell.length_b   107.732
_cell.length_c   87.569
_cell.angle_alpha   90.00
_cell.angle_beta   104.04
_cell.angle_gamma   90.00
#
_symmetry.space_group_name_H-M   'C 1 2 1'
#
loop_
_entity.id
_entity.type
_entity.pdbx_description
1 polymer 'Chondroitin sulfate/dermatan sulfate 4-O-endosulfatase protein'
2 non-polymer 'CALCIUM ION'
3 water water
#
_entity_poly.entity_id   1
_entity_poly.type   'polypeptide(L)'
_entity_poly.pdbx_seq_one_letter_code
;MSITRRKLLKGMAATSAVAATMVTAGCSATSSRPKTSVSPTDLKAKKPNLLIVFPDEMRAHTLGFMNQDRSYTPNLNKFA
KESAVLKQAVSNFPL(DDZ)TPFRGMLMTGQYPYRNGIQGNSHTAMPGNFGGKDFGIELKKSTRTWSDILKDQGYSMGYI
GKWHLDTPEAPFIPSYNNPMEGRYWNDWTAPDRRHGFDFWYAYGTYDKHLTPIYWTNETPRDQPIKVNQWSPEHEADIAI
KYLRNENGHYRDRDKPFTLVVSMNPPHSPYDQVPQKYLDKFDGETSRSLNTRPNVQWDQEYLEGYGPEYFKEYMAMVHGV
DDQFGRIIDELDRLGLTEDTLVVFFSDHGCCMGSNGKPTKNVHYEEAMRIPMMFRWPGKLTPRQDDLLFSAPDIYPTLFG
LMGLEELIPDTVEGTNFAKTVSGIEGDTRPTSQLYTFMPYGGQSYGRRGVRTDRYTLMIDRKIAKPLTFVLHDNQNDPYQ
MTNIANDNQELIAQLIEKELIPWLELTGDPWRPTEVPASVAKAYT
;
_entity_poly.pdbx_strand_id   A,B
#
# COMPACT_ATOMS: atom_id res chain seq x y z
N LYS A 46 -35.21 13.77 0.27
CA LYS A 46 -34.22 14.37 1.16
C LYS A 46 -32.81 13.85 0.88
N LYS A 47 -32.50 12.64 1.32
CA LYS A 47 -31.19 12.06 1.02
C LYS A 47 -30.93 12.10 -0.48
N PRO A 48 -29.75 12.56 -0.91
CA PRO A 48 -29.54 12.79 -2.35
C PRO A 48 -29.29 11.51 -3.12
N ASN A 49 -29.81 11.48 -4.34
CA ASN A 49 -29.48 10.42 -5.28
C ASN A 49 -28.18 10.75 -5.99
N LEU A 50 -27.56 9.72 -6.57
CA LEU A 50 -26.29 9.85 -7.27
C LEU A 50 -26.39 9.12 -8.58
N LEU A 51 -26.20 9.83 -9.69
CA LEU A 51 -26.16 9.23 -11.01
C LEU A 51 -24.79 9.49 -11.62
N ILE A 52 -24.08 8.42 -11.96
CA ILE A 52 -22.74 8.48 -12.53
C ILE A 52 -22.83 7.88 -13.92
N VAL A 53 -22.42 8.64 -14.93
CA VAL A 53 -22.31 8.13 -16.29
C VAL A 53 -20.88 8.32 -16.76
N PHE A 54 -20.24 7.23 -17.16
CA PHE A 54 -18.92 7.45 -17.69
C PHE A 54 -18.64 6.49 -18.83
N PRO A 55 -18.39 7.01 -20.03
CA PRO A 55 -17.96 6.17 -21.15
C PRO A 55 -16.47 5.88 -21.04
N ASP A 56 -16.01 5.00 -21.91
CA ASP A 56 -14.65 4.49 -21.85
C ASP A 56 -13.84 5.13 -22.95
N GLU A 57 -12.64 5.64 -22.61
CA GLU A 57 -11.66 6.09 -23.60
C GLU A 57 -12.10 7.39 -24.28
N MET A 58 -12.82 8.25 -23.56
CA MET A 58 -13.29 9.54 -24.06
C MET A 58 -12.44 10.67 -23.48
N ARG A 59 -11.52 11.20 -24.28
CA ARG A 59 -10.67 12.30 -23.82
C ARG A 59 -11.47 13.59 -23.67
N ALA A 60 -11.02 14.44 -22.73
CA ALA A 60 -11.69 15.71 -22.49
C ALA A 60 -11.79 16.54 -23.77
N HIS A 61 -10.88 16.34 -24.72
CA HIS A 61 -10.83 17.17 -25.91
C HIS A 61 -12.04 16.94 -26.81
N THR A 62 -12.72 15.80 -26.67
CA THR A 62 -13.90 15.47 -27.47
C THR A 62 -15.13 16.27 -27.05
N LEU A 63 -15.08 16.95 -25.91
CA LEU A 63 -16.20 17.79 -25.50
C LEU A 63 -16.23 19.04 -26.37
N GLY A 64 -17.36 19.27 -27.03
CA GLY A 64 -17.46 20.39 -27.96
C GLY A 64 -17.13 21.73 -27.31
N PHE A 65 -17.66 21.97 -26.11
CA PHE A 65 -17.43 23.24 -25.44
C PHE A 65 -15.95 23.44 -25.05
N MET A 66 -15.11 22.40 -25.14
CA MET A 66 -13.69 22.55 -24.85
C MET A 66 -12.93 23.17 -26.00
N ASN A 67 -13.57 23.34 -27.16
CA ASN A 67 -12.95 23.99 -28.32
C ASN A 67 -11.69 23.27 -28.77
N GLN A 68 -11.75 21.95 -28.78
CA GLN A 68 -10.58 21.16 -29.17
C GLN A 68 -10.92 20.27 -30.37
N ASP A 69 -11.51 19.10 -30.11
CA ASP A 69 -11.81 18.19 -31.22
C ASP A 69 -13.03 18.68 -32.00
N ARG A 70 -13.01 18.42 -33.31
CA ARG A 70 -14.13 18.76 -34.20
C ARG A 70 -15.25 17.75 -33.98
N SER A 71 -15.98 17.91 -32.87
CA SER A 71 -16.93 16.91 -32.43
C SER A 71 -18.31 17.52 -32.26
N TYR A 72 -19.31 16.66 -32.12
CA TYR A 72 -20.70 17.09 -31.98
C TYR A 72 -21.27 16.44 -30.73
N THR A 73 -21.26 17.20 -29.62
CA THR A 73 -21.75 16.73 -28.34
C THR A 73 -22.73 17.74 -27.75
N PRO A 74 -23.88 17.95 -28.40
CA PRO A 74 -24.82 18.97 -27.93
C PRO A 74 -25.40 18.70 -26.56
N ASN A 75 -25.68 17.43 -26.22
CA ASN A 75 -26.28 17.14 -24.93
C ASN A 75 -25.28 17.41 -23.79
N LEU A 76 -24.01 17.08 -24.00
CA LEU A 76 -23.02 17.32 -22.96
C LEU A 76 -22.65 18.79 -22.88
N ASN A 77 -22.70 19.51 -24.01
CA ASN A 77 -22.49 20.94 -23.99
C ASN A 77 -23.53 21.64 -23.11
N LYS A 78 -24.81 21.30 -23.29
CA LYS A 78 -25.87 21.88 -22.46
C LYS A 78 -25.69 21.49 -21.00
N PHE A 79 -25.40 20.21 -20.75
CA PHE A 79 -25.15 19.73 -19.39
C PHE A 79 -24.01 20.51 -18.73
N ALA A 80 -22.97 20.84 -19.50
CA ALA A 80 -21.80 21.52 -18.95
C ALA A 80 -22.16 22.91 -18.44
N LYS A 81 -23.01 23.63 -19.18
CA LYS A 81 -23.43 24.96 -18.77
C LYS A 81 -24.37 24.94 -17.58
N GLU A 82 -24.86 23.78 -17.18
CA GLU A 82 -25.64 23.64 -15.96
C GLU A 82 -24.80 23.11 -14.81
N SER A 83 -23.52 22.86 -15.03
CA SER A 83 -22.70 22.08 -14.13
C SER A 83 -21.49 22.85 -13.65
N ALA A 84 -20.89 22.31 -12.60
CA ALA A 84 -19.55 22.70 -12.17
C ALA A 84 -18.55 21.79 -12.90
N VAL A 85 -17.72 22.39 -13.74
CA VAL A 85 -16.86 21.66 -14.67
C VAL A 85 -15.41 21.79 -14.20
N LEU A 86 -14.76 20.65 -13.94
CA LEU A 86 -13.32 20.61 -13.69
C LEU A 86 -12.61 20.36 -15.02
N LYS A 87 -11.99 21.40 -15.57
CA LYS A 87 -11.49 21.34 -16.93
C LYS A 87 -10.10 20.74 -17.04
N GLN A 88 -9.43 20.47 -15.91
CA GLN A 88 -8.07 19.96 -15.89
C GLN A 88 -7.96 18.59 -15.22
N ALA A 89 -9.08 17.89 -15.05
CA ALA A 89 -9.07 16.57 -14.40
C ALA A 89 -8.29 15.55 -15.23
N VAL A 90 -7.59 14.65 -14.54
CA VAL A 90 -6.83 13.60 -15.23
C VAL A 90 -7.12 12.22 -14.64
N SER A 91 -6.71 11.23 -15.43
CA SER A 91 -6.70 9.82 -15.06
C SER A 91 -5.23 9.48 -14.86
N ASN A 92 -4.84 9.26 -13.59
CA ASN A 92 -3.42 9.27 -13.24
C ASN A 92 -2.69 8.06 -13.80
N PHE A 93 -3.38 6.93 -13.92
CA PHE A 93 -2.90 5.71 -14.57
C PHE A 93 -3.92 5.51 -15.68
N PRO A 94 -3.74 6.15 -16.86
CA PRO A 94 -4.81 6.15 -17.88
C PRO A 94 -5.00 4.78 -18.53
N LEU A 95 -5.72 3.91 -17.83
CA LEU A 95 -5.99 2.54 -18.26
C LEU A 95 -7.26 2.14 -17.53
N THR A 97 -8.79 -0.50 -16.03
CA THR A 97 -8.88 -1.18 -14.74
C THR A 97 -8.20 -0.38 -13.62
N PRO A 98 -6.98 0.15 -13.84
CA PRO A 98 -6.40 1.03 -12.80
C PRO A 98 -7.32 2.19 -12.43
N PHE A 99 -7.97 2.84 -13.41
CA PHE A 99 -8.86 3.96 -13.10
C PHE A 99 -10.04 3.50 -12.25
N ARG A 100 -10.69 2.41 -12.65
CA ARG A 100 -11.81 1.88 -11.87
C ARG A 100 -11.37 1.49 -10.46
N GLY A 101 -10.15 0.99 -10.31
CA GLY A 101 -9.62 0.79 -8.97
C GLY A 101 -9.60 2.08 -8.15
N MET A 102 -9.11 3.16 -8.75
CA MET A 102 -9.04 4.45 -8.05
C MET A 102 -10.42 5.01 -7.77
N LEU A 103 -11.36 4.84 -8.71
CA LEU A 103 -12.73 5.28 -8.49
C LEU A 103 -13.36 4.57 -7.28
N MET A 104 -13.21 3.25 -7.21
CA MET A 104 -13.93 2.50 -6.19
C MET A 104 -13.27 2.59 -4.81
N THR A 105 -11.97 2.92 -4.74
CA THR A 105 -11.23 2.87 -3.47
C THR A 105 -10.76 4.22 -2.94
N GLY A 106 -10.73 5.24 -3.79
CA GLY A 106 -10.13 6.49 -3.38
C GLY A 106 -8.66 6.40 -3.02
N GLN A 107 -7.98 5.34 -3.47
CA GLN A 107 -6.55 5.11 -3.25
C GLN A 107 -5.83 5.14 -4.58
N TYR A 108 -4.55 5.48 -4.55
CA TYR A 108 -3.70 5.38 -5.72
C TYR A 108 -3.36 3.90 -5.99
N PRO A 109 -2.87 3.58 -7.19
CA PRO A 109 -2.64 2.15 -7.54
C PRO A 109 -1.71 1.39 -6.62
N TYR A 110 -0.62 1.99 -6.11
CA TYR A 110 0.30 1.19 -5.31
C TYR A 110 -0.41 0.51 -4.15
N ARG A 111 -1.19 1.26 -3.37
CA ARG A 111 -1.83 0.65 -2.20
C ARG A 111 -3.12 -0.08 -2.52
N ASN A 112 -3.83 0.28 -3.60
CA ASN A 112 -5.04 -0.51 -3.85
C ASN A 112 -4.73 -1.80 -4.62
N GLY A 113 -3.52 -1.98 -5.12
CA GLY A 113 -3.15 -3.21 -5.82
C GLY A 113 -3.73 -3.40 -7.21
N ILE A 114 -4.49 -2.44 -7.72
CA ILE A 114 -5.12 -2.55 -9.03
C ILE A 114 -4.24 -1.77 -9.99
N GLN A 115 -3.22 -2.46 -10.52
CA GLN A 115 -2.07 -1.84 -11.16
C GLN A 115 -1.93 -2.25 -12.62
N GLY A 116 -2.99 -2.78 -13.23
CA GLY A 116 -2.92 -3.17 -14.62
C GLY A 116 -4.23 -3.79 -15.03
N ASN A 117 -4.23 -4.65 -16.03
CA ASN A 117 -5.45 -5.34 -16.45
C ASN A 117 -5.69 -6.54 -15.54
N SER A 118 -6.95 -6.79 -15.22
CA SER A 118 -7.32 -7.92 -14.38
C SER A 118 -7.67 -9.12 -15.25
N HIS A 119 -6.64 -9.68 -15.89
CA HIS A 119 -6.84 -10.85 -16.73
C HIS A 119 -6.06 -12.04 -16.17
N THR A 120 -6.29 -13.20 -16.79
CA THR A 120 -5.79 -14.47 -16.29
C THR A 120 -4.99 -15.15 -17.40
N ALA A 121 -3.77 -15.56 -17.06
CA ALA A 121 -2.84 -16.06 -18.06
C ALA A 121 -3.20 -17.47 -18.50
N MET A 122 -2.92 -17.76 -19.76
CA MET A 122 -2.81 -19.14 -20.21
C MET A 122 -1.52 -19.74 -19.66
N PRO A 123 -1.44 -21.07 -19.58
CA PRO A 123 -0.21 -21.71 -19.08
C PRO A 123 1.02 -21.22 -19.83
N GLY A 124 2.09 -20.97 -19.07
CA GLY A 124 3.32 -20.44 -19.62
C GLY A 124 3.34 -18.94 -19.83
N ASN A 125 2.28 -18.23 -19.48
CA ASN A 125 2.20 -16.79 -19.66
C ASN A 125 1.96 -16.14 -18.31
N PHE A 126 1.83 -14.81 -18.31
CA PHE A 126 1.54 -14.07 -17.10
C PHE A 126 0.39 -13.13 -17.35
N GLY A 127 -0.38 -12.86 -16.30
CA GLY A 127 -1.46 -11.89 -16.39
C GLY A 127 -1.77 -11.26 -15.05
N GLY A 128 -2.80 -10.41 -15.00
CA GLY A 128 -3.12 -9.70 -13.77
C GLY A 128 -3.23 -10.61 -12.55
N LYS A 129 -3.82 -11.80 -12.74
CA LYS A 129 -4.06 -12.70 -11.61
C LYS A 129 -2.77 -13.15 -10.92
N ASP A 130 -1.65 -13.18 -11.65
CA ASP A 130 -0.39 -13.59 -11.03
C ASP A 130 0.16 -12.53 -10.09
N PHE A 131 -0.46 -11.35 -10.04
CA PHE A 131 0.02 -10.25 -9.20
C PHE A 131 -1.12 -9.60 -8.42
N GLY A 132 -2.21 -10.34 -8.21
CA GLY A 132 -3.27 -9.87 -7.36
C GLY A 132 -4.08 -8.73 -7.93
N ILE A 133 -4.00 -8.49 -9.23
CA ILE A 133 -4.67 -7.34 -9.85
C ILE A 133 -6.15 -7.64 -10.02
N GLU A 134 -6.96 -7.19 -9.06
CA GLU A 134 -8.41 -7.33 -9.05
C GLU A 134 -8.92 -6.51 -7.87
N LEU A 135 -10.20 -6.16 -7.91
CA LEU A 135 -10.82 -5.61 -6.71
C LEU A 135 -11.11 -6.76 -5.74
N LYS A 136 -10.52 -6.69 -4.55
CA LYS A 136 -10.65 -7.78 -3.59
C LYS A 136 -12.03 -7.81 -2.95
N LYS A 137 -12.53 -9.03 -2.71
CA LYS A 137 -13.82 -9.21 -2.07
C LYS A 137 -13.89 -8.52 -0.71
N SER A 138 -12.79 -8.52 0.05
CA SER A 138 -12.80 -7.90 1.36
C SER A 138 -12.66 -6.38 1.33
N THR A 139 -12.40 -5.77 0.18
CA THR A 139 -12.24 -4.33 0.14
C THR A 139 -13.58 -3.64 0.35
N ARG A 140 -13.60 -2.64 1.23
CA ARG A 140 -14.78 -1.81 1.43
C ARG A 140 -14.70 -0.58 0.52
N THR A 141 -15.49 -0.58 -0.55
CA THR A 141 -15.56 0.53 -1.49
C THR A 141 -16.61 1.56 -1.06
N TRP A 142 -16.68 2.68 -1.79
CA TRP A 142 -17.75 3.64 -1.51
C TRP A 142 -19.13 3.06 -1.81
N SER A 143 -19.22 2.11 -2.73
CA SER A 143 -20.52 1.51 -2.99
C SER A 143 -20.97 0.63 -1.83
N ASP A 144 -20.03 -0.02 -1.14
CA ASP A 144 -20.37 -0.71 0.10
C ASP A 144 -20.94 0.27 1.13
N ILE A 145 -20.34 1.46 1.23
CA ILE A 145 -20.71 2.41 2.28
C ILE A 145 -22.08 3.02 2.01
N LEU A 146 -22.37 3.38 0.76
CA LEU A 146 -23.69 3.91 0.43
C LEU A 146 -24.77 2.86 0.66
N LYS A 147 -24.50 1.61 0.28
CA LYS A 147 -25.42 0.51 0.59
C LYS A 147 -25.79 0.49 2.07
N ASP A 148 -24.78 0.64 2.96
CA ASP A 148 -25.07 0.61 4.39
C ASP A 148 -25.76 1.87 4.88
N GLN A 149 -25.71 2.95 4.11
CA GLN A 149 -26.46 4.16 4.42
C GLN A 149 -27.94 4.07 4.05
N GLY A 150 -28.39 2.95 3.50
CA GLY A 150 -29.78 2.79 3.12
C GLY A 150 -30.10 3.15 1.67
N TYR A 151 -29.15 2.99 0.76
CA TYR A 151 -29.36 3.31 -0.65
C TYR A 151 -29.72 2.07 -1.44
N SER A 152 -30.56 2.25 -2.46
CA SER A 152 -30.61 1.30 -3.56
C SER A 152 -29.46 1.61 -4.50
N MET A 153 -28.83 0.56 -5.03
CA MET A 153 -27.58 0.71 -5.75
C MET A 153 -27.63 -0.10 -7.03
N GLY A 154 -27.34 0.54 -8.15
CA GLY A 154 -27.35 -0.14 -9.44
C GLY A 154 -26.10 0.13 -10.24
N TYR A 155 -25.61 -0.91 -10.93
CA TYR A 155 -24.45 -0.80 -11.81
C TYR A 155 -24.78 -1.39 -13.17
N ILE A 156 -24.68 -0.56 -14.21
CA ILE A 156 -24.94 -0.96 -15.58
C ILE A 156 -23.66 -0.78 -16.39
N GLY A 157 -23.22 -1.84 -17.07
CA GLY A 157 -22.24 -1.72 -18.12
C GLY A 157 -20.96 -2.46 -17.78
N LYS A 158 -19.83 -1.84 -18.14
CA LYS A 158 -18.53 -2.47 -18.05
C LYS A 158 -17.98 -2.35 -16.63
N TRP A 159 -17.73 -3.49 -15.99
CA TRP A 159 -17.21 -3.56 -14.62
C TRP A 159 -15.68 -3.59 -14.61
N HIS A 160 -15.09 -4.62 -15.22
CA HIS A 160 -13.68 -4.66 -15.58
C HIS A 160 -12.78 -4.60 -14.35
N LEU A 161 -13.15 -5.31 -13.29
CA LEU A 161 -12.40 -5.26 -12.04
C LEU A 161 -12.06 -6.64 -11.47
N ASP A 162 -12.52 -7.72 -12.10
CA ASP A 162 -12.31 -9.08 -11.62
C ASP A 162 -11.37 -9.85 -12.54
N THR A 163 -10.60 -10.76 -11.96
CA THR A 163 -9.88 -11.67 -12.85
C THR A 163 -10.78 -12.84 -13.24
N PRO A 164 -10.76 -13.26 -14.51
CA PRO A 164 -11.56 -14.43 -14.90
C PRO A 164 -11.07 -15.70 -14.21
N GLU A 165 -12.02 -16.59 -13.90
CA GLU A 165 -11.78 -17.84 -13.21
C GLU A 165 -12.17 -19.01 -14.10
N ALA A 166 -11.50 -20.14 -13.89
CA ALA A 166 -11.83 -21.36 -14.63
C ALA A 166 -12.95 -22.14 -13.91
N PRO A 167 -13.78 -22.89 -14.69
CA PRO A 167 -13.73 -22.97 -16.14
C PRO A 167 -14.19 -21.69 -16.80
N PHE A 168 -13.42 -21.23 -17.77
CA PHE A 168 -13.67 -19.93 -18.36
C PHE A 168 -14.92 -19.97 -19.24
N ILE A 169 -15.74 -18.94 -19.11
CA ILE A 169 -16.97 -18.81 -19.89
C ILE A 169 -16.64 -18.70 -21.37
N PRO A 170 -17.55 -19.08 -22.27
CA PRO A 170 -17.33 -18.83 -23.70
C PRO A 170 -17.27 -17.34 -23.99
N SER A 171 -16.25 -16.93 -24.75
CA SER A 171 -16.07 -15.52 -25.07
C SER A 171 -14.98 -15.40 -26.12
N TYR A 172 -15.20 -14.52 -27.11
CA TYR A 172 -14.20 -14.32 -28.17
C TYR A 172 -12.84 -13.97 -27.60
N ASN A 173 -12.81 -13.35 -26.42
CA ASN A 173 -11.54 -13.00 -25.78
C ASN A 173 -11.15 -13.99 -24.68
N ASN A 174 -11.76 -15.18 -24.66
CA ASN A 174 -11.35 -16.25 -23.74
C ASN A 174 -10.88 -17.50 -24.49
N PRO A 175 -9.58 -17.56 -24.83
CA PRO A 175 -8.61 -16.51 -24.54
C PRO A 175 -8.31 -15.64 -25.77
N MET A 176 -7.44 -14.66 -25.57
CA MET A 176 -6.98 -13.78 -26.64
C MET A 176 -5.61 -13.26 -26.24
N GLU A 177 -4.61 -13.50 -27.11
CA GLU A 177 -3.27 -12.95 -26.95
C GLU A 177 -2.67 -13.36 -25.60
N GLY A 178 -2.84 -14.63 -25.26
CA GLY A 178 -2.17 -15.21 -24.11
C GLY A 178 -2.95 -15.18 -22.81
N ARG A 179 -4.18 -14.66 -22.81
CA ARG A 179 -4.91 -14.41 -21.58
C ARG A 179 -6.40 -14.60 -21.77
N TYR A 180 -7.07 -14.95 -20.67
CA TYR A 180 -8.53 -14.91 -20.59
C TYR A 180 -8.95 -13.56 -20.02
N TRP A 181 -9.93 -12.93 -20.65
CA TRP A 181 -10.28 -11.56 -20.32
C TRP A 181 -11.65 -11.36 -19.68
N ASN A 182 -12.64 -12.21 -19.97
CA ASN A 182 -14.03 -11.94 -19.58
C ASN A 182 -14.56 -12.96 -18.58
N ASP A 183 -15.46 -12.49 -17.71
CA ASP A 183 -16.20 -13.32 -16.76
C ASP A 183 -17.33 -12.46 -16.23
N TRP A 184 -18.32 -13.11 -15.60
CA TRP A 184 -19.31 -12.37 -14.84
C TRP A 184 -18.68 -11.84 -13.55
N THR A 185 -19.46 -11.07 -12.79
CA THR A 185 -19.12 -10.74 -11.40
C THR A 185 -20.10 -11.50 -10.51
N ALA A 186 -19.59 -12.48 -9.76
CA ALA A 186 -20.42 -13.25 -8.83
C ALA A 186 -21.12 -12.30 -7.85
N PRO A 187 -22.30 -12.68 -7.33
CA PRO A 187 -23.04 -11.75 -6.46
C PRO A 187 -22.28 -11.29 -5.22
N ASP A 188 -21.41 -12.12 -4.61
CA ASP A 188 -20.65 -11.70 -3.44
C ASP A 188 -19.48 -10.80 -3.78
N ARG A 189 -19.31 -10.42 -5.05
CA ARG A 189 -18.25 -9.50 -5.46
C ARG A 189 -18.80 -8.20 -6.01
N ARG A 190 -20.09 -7.91 -5.80
CA ARG A 190 -20.72 -6.75 -6.42
C ARG A 190 -20.76 -5.54 -5.50
N HIS A 191 -20.16 -5.64 -4.31
CA HIS A 191 -19.86 -4.51 -3.43
C HIS A 191 -21.07 -3.59 -3.22
N GLY A 192 -22.20 -4.21 -2.86
CA GLY A 192 -23.39 -3.47 -2.48
C GLY A 192 -24.33 -3.11 -3.62
N PHE A 193 -23.99 -3.39 -4.86
CA PHE A 193 -24.87 -3.07 -5.99
C PHE A 193 -25.94 -4.16 -6.09
N ASP A 194 -27.14 -3.88 -5.56
CA ASP A 194 -28.21 -4.86 -5.54
C ASP A 194 -28.88 -5.02 -6.90
N PHE A 195 -28.73 -4.05 -7.79
CA PHE A 195 -29.17 -4.19 -9.19
C PHE A 195 -27.94 -4.26 -10.08
N TRP A 196 -27.84 -5.34 -10.84
CA TRP A 196 -26.65 -5.65 -11.63
C TRP A 196 -27.04 -5.81 -13.09
N TYR A 197 -26.26 -5.22 -13.99
CA TYR A 197 -26.55 -5.40 -15.41
C TYR A 197 -25.23 -5.11 -16.13
N ALA A 198 -24.30 -6.06 -16.04
CA ALA A 198 -22.90 -5.72 -16.21
C ALA A 198 -22.13 -6.91 -16.79
N TYR A 199 -20.93 -6.61 -17.29
CA TYR A 199 -20.02 -7.62 -17.82
C TYR A 199 -18.60 -7.22 -17.44
N GLY A 200 -17.65 -8.13 -17.69
CA GLY A 200 -16.26 -7.90 -17.31
C GLY A 200 -15.51 -7.07 -18.33
N THR A 201 -15.25 -7.67 -19.50
CA THR A 201 -14.69 -6.93 -20.63
C THR A 201 -15.09 -7.64 -21.91
N TYR A 202 -15.54 -6.84 -22.87
CA TYR A 202 -16.22 -7.33 -24.06
C TYR A 202 -16.45 -6.13 -24.99
N ASP A 203 -15.84 -6.13 -26.17
CA ASP A 203 -15.81 -4.94 -27.01
C ASP A 203 -16.69 -5.04 -28.25
N LYS A 204 -17.58 -6.02 -28.35
CA LYS A 204 -18.46 -6.10 -29.54
C LYS A 204 -19.66 -5.19 -29.29
N HIS A 205 -19.49 -3.91 -29.65
CA HIS A 205 -20.42 -2.87 -29.18
C HIS A 205 -21.83 -3.09 -29.72
N LEU A 206 -21.96 -3.79 -30.83
CA LEU A 206 -23.29 -4.01 -31.40
C LEU A 206 -23.91 -5.32 -30.94
N THR A 207 -23.17 -6.19 -30.26
CA THR A 207 -23.72 -7.44 -29.73
C THR A 207 -23.20 -7.66 -28.32
N PRO A 208 -23.54 -6.76 -27.39
CA PRO A 208 -23.05 -6.89 -26.01
C PRO A 208 -23.75 -8.01 -25.26
N ILE A 209 -23.13 -8.44 -24.16
CA ILE A 209 -23.64 -9.53 -23.35
C ILE A 209 -23.57 -9.10 -21.88
N TYR A 210 -24.63 -9.37 -21.11
CA TYR A 210 -24.70 -8.90 -19.73
C TYR A 210 -25.13 -10.00 -18.79
N TRP A 211 -24.66 -9.89 -17.54
CA TRP A 211 -25.21 -10.65 -16.44
C TRP A 211 -26.06 -9.74 -15.56
N THR A 212 -27.09 -10.32 -14.96
CA THR A 212 -28.10 -9.59 -14.21
C THR A 212 -28.42 -10.39 -12.95
N ASN A 213 -29.26 -9.80 -12.09
CA ASN A 213 -29.76 -10.55 -10.95
C ASN A 213 -30.39 -11.88 -11.37
N GLU A 214 -31.00 -11.92 -12.55
CA GLU A 214 -31.72 -13.11 -12.99
C GLU A 214 -30.81 -14.17 -13.62
N THR A 215 -29.66 -13.77 -14.17
CA THR A 215 -28.88 -14.73 -14.96
C THR A 215 -27.96 -15.55 -14.06
N PRO A 216 -27.86 -16.85 -14.30
CA PRO A 216 -26.73 -17.61 -13.76
C PRO A 216 -25.48 -17.34 -14.61
N ARG A 217 -24.34 -17.79 -14.10
CA ARG A 217 -23.09 -17.55 -14.81
C ARG A 217 -23.13 -18.07 -16.24
N ASP A 218 -23.79 -19.20 -16.48
CA ASP A 218 -23.61 -19.83 -17.77
C ASP A 218 -24.61 -19.36 -18.81
N GLN A 219 -25.58 -18.53 -18.44
CA GLN A 219 -26.58 -18.04 -19.40
C GLN A 219 -26.79 -16.53 -19.25
N PRO A 220 -25.85 -15.73 -19.76
CA PRO A 220 -26.02 -14.29 -19.76
C PRO A 220 -27.01 -13.82 -20.83
N ILE A 221 -27.44 -12.56 -20.70
CA ILE A 221 -28.32 -11.93 -21.67
C ILE A 221 -27.49 -11.52 -22.88
N LYS A 222 -27.83 -12.04 -24.04
CA LYS A 222 -27.16 -11.70 -25.29
C LYS A 222 -28.01 -10.68 -26.03
N VAL A 223 -27.44 -9.51 -26.29
CA VAL A 223 -28.17 -8.34 -26.81
C VAL A 223 -27.76 -8.08 -28.25
N ASN A 224 -28.73 -7.69 -29.08
CA ASN A 224 -28.49 -7.18 -30.43
C ASN A 224 -28.96 -5.73 -30.45
N GLN A 225 -28.04 -4.82 -30.10
CA GLN A 225 -28.33 -3.41 -29.94
C GLN A 225 -27.01 -2.71 -29.58
N TRP A 226 -26.83 -1.47 -30.02
CA TRP A 226 -25.61 -0.73 -29.64
C TRP A 226 -25.57 -0.56 -28.12
N SER A 227 -24.47 -0.99 -27.50
CA SER A 227 -24.44 -1.07 -26.04
C SER A 227 -24.82 0.24 -25.33
N PRO A 228 -24.34 1.44 -25.73
CA PRO A 228 -24.78 2.66 -25.02
C PRO A 228 -26.29 2.88 -25.09
N GLU A 229 -26.90 2.61 -26.24
CA GLU A 229 -28.35 2.70 -26.32
C GLU A 229 -29.02 1.67 -25.43
N HIS A 230 -28.59 0.41 -25.49
CA HIS A 230 -29.17 -0.58 -24.60
C HIS A 230 -29.00 -0.17 -23.14
N GLU A 231 -27.85 0.38 -22.79
CA GLU A 231 -27.62 0.74 -21.40
C GLU A 231 -28.48 1.94 -21.00
N ALA A 232 -28.64 2.90 -21.91
CA ALA A 232 -29.59 3.98 -21.67
C ALA A 232 -31.00 3.43 -21.45
N ASP A 233 -31.41 2.45 -22.25
CA ASP A 233 -32.74 1.84 -22.06
C ASP A 233 -32.87 1.29 -20.65
N ILE A 234 -31.88 0.53 -20.19
CA ILE A 234 -31.97 -0.05 -18.86
C ILE A 234 -31.93 1.04 -17.79
N ALA A 235 -31.10 2.07 -17.99
CA ALA A 235 -31.07 3.20 -17.06
C ALA A 235 -32.43 3.87 -16.95
N ILE A 236 -33.13 4.06 -18.08
CA ILE A 236 -34.47 4.63 -18.06
C ILE A 236 -35.39 3.80 -17.19
N LYS A 237 -35.37 2.47 -17.37
CA LYS A 237 -36.25 1.60 -16.61
C LYS A 237 -35.93 1.66 -15.13
N TYR A 238 -34.63 1.68 -14.80
CA TYR A 238 -34.23 1.82 -13.41
C TYR A 238 -34.75 3.13 -12.81
N LEU A 239 -34.61 4.23 -13.55
CA LEU A 239 -35.10 5.51 -13.05
C LEU A 239 -36.62 5.52 -12.91
N ARG A 240 -37.34 4.97 -13.89
CA ARG A 240 -38.80 4.90 -13.82
C ARG A 240 -39.25 3.96 -12.71
N ASN A 241 -38.57 2.84 -12.58
CA ASN A 241 -38.88 1.85 -11.55
C ASN A 241 -40.35 1.45 -11.60
N GLU A 242 -40.83 1.18 -12.83
CA GLU A 242 -42.27 1.07 -13.08
C GLU A 242 -42.90 -0.05 -12.27
N ASN A 243 -42.29 -1.23 -12.28
CA ASN A 243 -42.83 -2.32 -11.47
C ASN A 243 -42.35 -2.27 -10.02
N GLY A 244 -41.52 -1.30 -9.66
CA GLY A 244 -41.03 -1.20 -8.31
C GLY A 244 -39.96 -2.19 -7.94
N HIS A 245 -39.44 -2.97 -8.90
CA HIS A 245 -38.46 -4.00 -8.59
C HIS A 245 -37.06 -3.67 -9.10
N TYR A 246 -36.83 -2.46 -9.61
CA TYR A 246 -35.46 -2.04 -9.89
C TYR A 246 -34.79 -1.51 -8.63
N ARG A 247 -35.54 -0.82 -7.79
CA ARG A 247 -34.99 -0.15 -6.62
C ARG A 247 -36.14 0.06 -5.65
N ASP A 248 -35.78 0.41 -4.42
CA ASP A 248 -36.75 0.63 -3.36
C ASP A 248 -37.31 2.05 -3.50
N ARG A 249 -38.64 2.15 -3.58
CA ARG A 249 -39.30 3.45 -3.73
C ARG A 249 -38.98 4.41 -2.59
N ASP A 250 -38.69 3.89 -1.41
CA ASP A 250 -38.53 4.71 -0.23
C ASP A 250 -37.07 5.07 0.02
N LYS A 251 -36.14 4.56 -0.78
CA LYS A 251 -34.73 4.81 -0.53
C LYS A 251 -34.15 5.73 -1.60
N PRO A 252 -33.10 6.49 -1.28
CA PRO A 252 -32.32 7.14 -2.32
C PRO A 252 -31.57 6.08 -3.12
N PHE A 253 -31.10 6.48 -4.31
CA PHE A 253 -30.45 5.51 -5.18
C PHE A 253 -29.11 6.03 -5.66
N THR A 254 -28.24 5.09 -6.00
CA THR A 254 -27.06 5.35 -6.81
C THR A 254 -27.12 4.47 -8.05
N LEU A 255 -27.01 5.10 -9.21
CA LEU A 255 -26.90 4.37 -10.47
C LEU A 255 -25.61 4.74 -11.15
N VAL A 256 -24.83 3.73 -11.52
CA VAL A 256 -23.63 3.90 -12.32
C VAL A 256 -23.90 3.28 -13.68
N VAL A 257 -23.60 4.05 -14.74
CA VAL A 257 -23.71 3.57 -16.11
C VAL A 257 -22.34 3.75 -16.75
N SER A 258 -21.69 2.64 -17.02
CA SER A 258 -20.31 2.65 -17.54
C SER A 258 -20.34 2.17 -18.97
N MET A 259 -20.38 3.12 -19.92
CA MET A 259 -20.48 2.76 -21.32
C MET A 259 -19.11 2.37 -21.86
N ASN A 260 -19.12 1.62 -22.97
CA ASN A 260 -17.86 1.12 -23.51
C ASN A 260 -17.37 2.03 -24.65
N PRO A 261 -18.16 2.24 -25.74
CA PRO A 261 -17.75 3.29 -26.70
C PRO A 261 -17.47 4.60 -25.99
N PRO A 262 -16.53 5.41 -26.49
CA PRO A 262 -15.78 5.34 -27.76
C PRO A 262 -14.54 4.49 -27.77
N HIS A 263 -14.40 3.59 -26.79
CA HIS A 263 -13.39 2.54 -26.84
C HIS A 263 -13.44 1.79 -28.16
N SER A 264 -12.27 1.37 -28.64
CA SER A 264 -12.16 0.49 -29.79
C SER A 264 -12.95 -0.82 -29.55
N PRO A 265 -13.30 -1.55 -30.63
CA PRO A 265 -12.99 -1.34 -32.05
C PRO A 265 -13.81 -0.23 -32.69
N TYR A 266 -13.50 0.09 -33.95
CA TYR A 266 -14.13 1.20 -34.66
C TYR A 266 -15.12 0.75 -35.73
N ASP A 267 -15.39 -0.55 -35.85
CA ASP A 267 -16.30 -1.07 -36.88
C ASP A 267 -17.63 -1.56 -36.29
N GLN A 268 -18.03 -1.05 -35.15
CA GLN A 268 -19.28 -1.39 -34.48
C GLN A 268 -20.01 -0.13 -34.07
N VAL A 269 -20.08 0.81 -34.99
CA VAL A 269 -20.71 2.12 -34.79
C VAL A 269 -21.98 2.16 -35.65
N PRO A 270 -23.13 2.56 -35.10
CA PRO A 270 -24.35 2.64 -35.92
C PRO A 270 -24.20 3.65 -37.05
N GLN A 271 -24.82 3.32 -38.21
CA GLN A 271 -24.73 4.21 -39.36
C GLN A 271 -25.33 5.56 -39.05
N LYS A 272 -26.38 5.60 -38.21
CA LYS A 272 -27.02 6.85 -37.80
C LYS A 272 -26.01 7.87 -37.29
N TYR A 273 -25.09 7.44 -36.44
CA TYR A 273 -24.09 8.34 -35.90
C TYR A 273 -22.94 8.60 -36.86
N LEU A 274 -22.57 7.61 -37.67
CA LEU A 274 -21.58 7.88 -38.71
C LEU A 274 -22.11 8.93 -39.68
N ASP A 275 -23.41 8.87 -40.01
CA ASP A 275 -24.03 9.81 -40.94
C ASP A 275 -23.88 11.26 -40.50
N LYS A 276 -23.69 11.52 -39.19
CA LYS A 276 -23.52 12.90 -38.76
C LYS A 276 -22.28 13.53 -39.37
N PHE A 277 -21.28 12.73 -39.72
CA PHE A 277 -20.03 13.21 -40.28
C PHE A 277 -19.91 12.87 -41.77
N ASP A 278 -21.06 12.72 -42.43
CA ASP A 278 -21.09 12.43 -43.85
C ASP A 278 -20.35 13.50 -44.65
N GLY A 279 -19.48 13.06 -45.57
CA GLY A 279 -18.63 13.96 -46.33
C GLY A 279 -17.27 14.21 -45.70
N GLU A 280 -17.16 14.17 -44.38
CA GLU A 280 -15.87 14.33 -43.75
C GLU A 280 -15.11 13.01 -43.74
N THR A 281 -13.82 13.08 -43.45
CA THR A 281 -12.96 11.91 -43.36
C THR A 281 -12.19 12.01 -42.04
N SER A 282 -11.50 10.91 -41.68
CA SER A 282 -10.66 10.96 -40.50
C SER A 282 -9.55 11.99 -40.65
N ARG A 283 -9.03 12.16 -41.87
CA ARG A 283 -8.02 13.18 -42.13
C ARG A 283 -8.58 14.59 -41.95
N SER A 284 -9.76 14.87 -42.46
CA SER A 284 -10.29 16.23 -42.35
C SER A 284 -10.75 16.53 -40.92
N LEU A 285 -11.08 15.51 -40.15
CA LEU A 285 -11.55 15.71 -38.78
C LEU A 285 -10.42 15.70 -37.75
N ASN A 286 -9.38 14.88 -37.94
CA ASN A 286 -8.30 14.70 -36.94
C ASN A 286 -7.17 15.69 -37.23
N THR A 287 -7.44 16.96 -36.91
CA THR A 287 -6.59 18.06 -37.32
C THR A 287 -5.60 18.48 -36.23
N ARG A 288 -5.57 17.80 -35.10
CA ARG A 288 -4.66 18.17 -34.05
C ARG A 288 -3.23 18.18 -34.58
N PRO A 289 -2.44 19.23 -34.31
CA PRO A 289 -1.14 19.36 -34.99
C PRO A 289 -0.14 18.25 -34.67
N ASN A 290 -0.30 17.55 -33.55
CA ASN A 290 0.66 16.52 -33.18
C ASN A 290 0.31 15.14 -33.74
N VAL A 291 -0.68 15.03 -34.62
CA VAL A 291 -1.01 13.71 -35.13
C VAL A 291 0.08 13.25 -36.09
N GLN A 292 0.54 12.01 -35.92
CA GLN A 292 1.58 11.43 -36.77
C GLN A 292 0.90 10.42 -37.68
N TRP A 293 0.62 10.83 -38.92
CA TRP A 293 -0.05 9.95 -39.87
C TRP A 293 0.89 8.89 -40.41
N ASP A 294 2.19 9.18 -40.47
CA ASP A 294 3.14 8.29 -41.12
C ASP A 294 3.70 7.24 -40.18
N GLN A 295 3.36 7.29 -38.89
CA GLN A 295 3.74 6.25 -37.96
C GLN A 295 2.99 4.96 -38.32
N GLU A 296 3.63 3.82 -38.09
CA GLU A 296 2.97 2.55 -38.31
C GLU A 296 2.22 2.15 -37.05
N TYR A 297 0.95 1.81 -37.21
CA TYR A 297 0.07 1.47 -36.09
C TYR A 297 -0.37 0.02 -36.22
N LEU A 298 -0.78 -0.55 -35.08
CA LEU A 298 -1.35 -1.89 -35.10
C LEU A 298 -2.65 -1.88 -35.89
N GLU A 299 -2.91 -2.97 -36.61
CA GLU A 299 -4.13 -3.04 -37.40
C GLU A 299 -5.34 -2.78 -36.53
N GLY A 300 -6.24 -1.92 -37.01
CA GLY A 300 -7.44 -1.55 -36.29
C GLY A 300 -7.34 -0.32 -35.41
N TYR A 301 -6.18 0.33 -35.33
CA TYR A 301 -5.99 1.45 -34.42
C TYR A 301 -5.33 2.62 -35.15
N GLY A 302 -5.43 3.80 -34.55
CA GLY A 302 -4.69 4.96 -34.99
C GLY A 302 -5.55 6.03 -35.62
N PRO A 303 -4.90 7.11 -36.09
CA PRO A 303 -5.65 8.32 -36.49
C PRO A 303 -6.61 8.10 -37.65
N GLU A 304 -6.40 7.08 -38.48
CA GLU A 304 -7.34 6.88 -39.59
C GLU A 304 -8.72 6.41 -39.12
N TYR A 305 -8.88 6.15 -37.82
CA TYR A 305 -10.17 5.80 -37.24
C TYR A 305 -10.80 6.95 -36.48
N PHE A 306 -10.30 8.18 -36.68
CA PHE A 306 -10.81 9.31 -35.92
C PHE A 306 -12.27 9.61 -36.24
N LYS A 307 -12.68 9.48 -37.49
CA LYS A 307 -14.09 9.72 -37.81
C LYS A 307 -14.98 8.77 -37.01
N GLU A 308 -14.61 7.50 -36.95
CA GLU A 308 -15.39 6.55 -36.17
C GLU A 308 -15.41 6.91 -34.69
N TYR A 309 -14.27 7.38 -34.17
CA TYR A 309 -14.19 7.82 -32.79
C TYR A 309 -15.16 8.97 -32.53
N MET A 310 -15.17 9.97 -33.42
CA MET A 310 -16.07 11.11 -33.24
C MET A 310 -17.54 10.70 -33.36
N ALA A 311 -17.84 9.75 -34.25
CA ALA A 311 -19.20 9.25 -34.37
C ALA A 311 -19.64 8.51 -33.10
N MET A 312 -18.74 7.71 -32.50
CA MET A 312 -19.09 7.07 -31.23
C MET A 312 -19.30 8.11 -30.13
N VAL A 313 -18.49 9.16 -30.13
CA VAL A 313 -18.66 10.22 -29.13
C VAL A 313 -20.02 10.86 -29.27
N HIS A 314 -20.39 11.23 -30.49
CA HIS A 314 -21.72 11.75 -30.76
C HIS A 314 -22.81 10.78 -30.30
N GLY A 315 -22.64 9.49 -30.60
CA GLY A 315 -23.62 8.50 -30.18
C GLY A 315 -23.76 8.43 -28.67
N VAL A 316 -22.65 8.46 -27.94
CA VAL A 316 -22.71 8.45 -26.49
C VAL A 316 -23.36 9.72 -25.99
N ASP A 317 -23.06 10.85 -26.60
CA ASP A 317 -23.70 12.11 -26.22
C ASP A 317 -25.22 12.01 -26.37
N ASP A 318 -25.68 11.41 -27.47
CA ASP A 318 -27.11 11.20 -27.67
C ASP A 318 -27.71 10.35 -26.55
N GLN A 319 -27.03 9.25 -26.17
CA GLN A 319 -27.60 8.35 -25.17
C GLN A 319 -27.50 8.95 -23.77
N PHE A 320 -26.42 9.66 -23.47
CA PHE A 320 -26.36 10.41 -22.23
C PHE A 320 -27.54 11.38 -22.13
N GLY A 321 -27.87 12.04 -23.23
CA GLY A 321 -28.99 12.97 -23.23
C GLY A 321 -30.31 12.28 -22.91
N ARG A 322 -30.52 11.08 -23.46
CA ARG A 322 -31.72 10.32 -23.16
C ARG A 322 -31.84 10.04 -21.66
N ILE A 323 -30.73 9.68 -21.01
CA ILE A 323 -30.79 9.35 -19.59
C ILE A 323 -31.11 10.60 -18.77
N ILE A 324 -30.42 11.71 -19.06
CA ILE A 324 -30.62 12.94 -18.29
C ILE A 324 -32.00 13.51 -18.53
N ASP A 325 -32.46 13.50 -19.79
CA ASP A 325 -33.81 13.98 -20.08
C ASP A 325 -34.85 13.20 -19.29
N GLU A 326 -34.63 11.89 -19.11
CA GLU A 326 -35.58 11.09 -18.34
C GLU A 326 -35.51 11.43 -16.86
N LEU A 327 -34.30 11.67 -16.35
CA LEU A 327 -34.16 12.06 -14.96
C LEU A 327 -34.95 13.33 -14.68
N ASP A 328 -34.85 14.31 -15.58
CA ASP A 328 -35.53 15.58 -15.37
C ASP A 328 -37.03 15.45 -15.60
N ARG A 329 -37.44 14.74 -16.67
CA ARG A 329 -38.86 14.47 -16.89
C ARG A 329 -39.50 13.83 -15.67
N LEU A 330 -38.75 13.02 -14.92
CA LEU A 330 -39.28 12.36 -13.73
C LEU A 330 -39.33 13.27 -12.53
N GLY A 331 -38.80 14.50 -12.63
CA GLY A 331 -38.76 15.39 -11.49
C GLY A 331 -37.68 15.08 -10.47
N LEU A 332 -36.59 14.45 -10.89
CA LEU A 332 -35.50 14.09 -10.00
C LEU A 332 -34.33 15.05 -10.09
N THR A 333 -34.45 16.13 -10.87
CA THR A 333 -33.32 17.03 -11.12
C THR A 333 -32.71 17.57 -9.83
N GLU A 334 -33.54 18.02 -8.88
CA GLU A 334 -33.03 18.74 -7.72
C GLU A 334 -32.52 17.81 -6.62
N ASP A 335 -32.92 16.54 -6.63
CA ASP A 335 -32.50 15.58 -5.62
C ASP A 335 -31.38 14.67 -6.11
N THR A 336 -30.85 14.89 -7.30
CA THR A 336 -29.89 13.98 -7.90
C THR A 336 -28.62 14.71 -8.28
N LEU A 337 -27.51 14.33 -7.66
CA LEU A 337 -26.20 14.75 -8.11
C LEU A 337 -25.82 13.90 -9.31
N VAL A 338 -25.60 14.53 -10.46
CA VAL A 338 -25.19 13.82 -11.67
C VAL A 338 -23.73 14.15 -11.93
N VAL A 339 -22.95 13.12 -12.24
CA VAL A 339 -21.53 13.31 -12.54
C VAL A 339 -21.20 12.55 -13.81
N PHE A 340 -20.36 13.17 -14.64
CA PHE A 340 -19.92 12.62 -15.92
C PHE A 340 -18.40 12.70 -15.97
N PHE A 341 -17.76 11.59 -16.31
CA PHE A 341 -16.34 11.58 -16.56
C PHE A 341 -16.05 10.43 -17.53
N SER A 342 -14.78 10.17 -17.76
CA SER A 342 -14.35 8.99 -18.51
C SER A 342 -13.20 8.37 -17.71
N ASP A 343 -12.82 7.14 -18.08
CA ASP A 343 -11.76 6.46 -17.34
C ASP A 343 -10.36 6.84 -17.80
N HIS A 344 -10.21 7.36 -19.02
CA HIS A 344 -8.95 7.82 -19.58
C HIS A 344 -9.30 8.36 -20.97
N GLY A 345 -8.34 9.05 -21.58
CA GLY A 345 -8.53 9.58 -22.92
C GLY A 345 -8.04 8.62 -23.98
N CYS A 346 -7.70 9.19 -25.14
CA CYS A 346 -7.32 8.41 -26.31
C CYS A 346 -6.53 9.32 -27.24
N CYS A 347 -5.33 8.89 -27.64
CA CYS A 347 -4.44 9.76 -28.41
C CYS A 347 -4.85 9.85 -29.89
N MET A 348 -5.33 8.75 -30.46
CA MET A 348 -5.76 8.70 -31.87
C MET A 348 -4.68 9.24 -32.80
N GLY A 349 -3.44 8.84 -32.55
CA GLY A 349 -2.31 9.21 -33.38
C GLY A 349 -1.53 10.42 -32.92
N SER A 350 -2.08 11.21 -32.00
CA SER A 350 -1.32 12.33 -31.45
C SER A 350 0.01 11.85 -30.89
N ASN A 351 1.09 12.49 -31.33
CA ASN A 351 2.46 12.14 -30.93
C ASN A 351 2.78 10.68 -31.17
N GLY A 352 2.13 10.09 -32.17
CA GLY A 352 2.46 8.73 -32.56
C GLY A 352 1.89 7.64 -31.69
N LYS A 353 1.00 7.99 -30.72
CA LYS A 353 0.44 6.95 -29.85
C LYS A 353 -0.98 6.62 -30.30
N PRO A 354 -1.35 5.33 -30.30
CA PRO A 354 -2.70 4.94 -30.76
C PRO A 354 -3.82 5.24 -29.77
N THR A 355 -3.64 4.89 -28.48
CA THR A 355 -4.74 5.03 -27.53
C THR A 355 -4.25 5.62 -26.20
N LYS A 356 -4.11 4.80 -25.17
CA LYS A 356 -3.96 5.37 -23.84
C LYS A 356 -2.68 4.87 -23.18
N ASN A 357 -2.62 4.96 -21.85
CA ASN A 357 -1.51 4.41 -21.09
C ASN A 357 -0.21 5.17 -21.40
N VAL A 358 -0.32 6.49 -21.59
CA VAL A 358 0.83 7.36 -21.80
C VAL A 358 0.57 8.68 -21.08
N HIS A 359 1.64 9.46 -20.89
CA HIS A 359 1.57 10.70 -20.14
C HIS A 359 0.95 11.85 -20.94
N TYR A 360 0.77 11.70 -22.24
CA TYR A 360 0.32 12.83 -23.05
C TYR A 360 -1.05 13.34 -22.62
N GLU A 361 -1.32 14.61 -22.93
CA GLU A 361 -2.58 15.25 -22.56
C GLU A 361 -3.78 14.47 -23.10
N GLU A 362 -3.65 13.93 -24.31
CA GLU A 362 -4.79 13.25 -24.93
C GLU A 362 -5.15 11.95 -24.22
N ALA A 363 -4.24 11.38 -23.43
CA ALA A 363 -4.58 10.17 -22.69
C ALA A 363 -4.97 10.48 -21.24
N MET A 364 -4.32 11.47 -20.62
CA MET A 364 -4.58 11.77 -19.22
C MET A 364 -5.86 12.57 -19.00
N ARG A 365 -6.22 13.47 -19.92
CA ARG A 365 -7.27 14.43 -19.63
C ARG A 365 -8.64 13.81 -19.88
N ILE A 366 -9.50 13.84 -18.86
CA ILE A 366 -10.81 13.23 -18.90
C ILE A 366 -11.85 14.29 -18.59
N PRO A 367 -13.07 14.15 -19.11
CA PRO A 367 -14.16 15.03 -18.66
C PRO A 367 -14.41 14.85 -17.18
N MET A 368 -14.93 15.90 -16.55
CA MET A 368 -15.29 15.83 -15.13
C MET A 368 -16.31 16.95 -14.86
N MET A 369 -17.58 16.58 -14.73
CA MET A 369 -18.65 17.56 -14.54
C MET A 369 -19.61 17.08 -13.47
N PHE A 370 -20.11 18.02 -12.67
CA PHE A 370 -21.00 17.75 -11.55
C PHE A 370 -22.22 18.64 -11.68
N ARG A 371 -23.40 18.04 -11.83
CA ARG A 371 -24.63 18.82 -11.98
C ARG A 371 -25.54 18.52 -10.81
N TRP A 372 -26.08 19.57 -10.21
CA TRP A 372 -27.02 19.49 -9.10
C TRP A 372 -27.75 20.82 -9.03
N PRO A 373 -28.75 21.05 -9.88
CA PRO A 373 -29.38 22.37 -9.95
C PRO A 373 -30.07 22.72 -8.64
N GLY A 374 -29.87 23.96 -8.20
CA GLY A 374 -30.30 24.42 -6.90
C GLY A 374 -29.25 24.30 -5.82
N LYS A 375 -28.23 23.47 -5.99
CA LYS A 375 -27.19 23.33 -4.97
C LYS A 375 -25.77 23.54 -5.49
N LEU A 376 -25.51 23.37 -6.78
CA LEU A 376 -24.23 23.68 -7.38
C LEU A 376 -24.45 24.79 -8.40
N THR A 377 -23.79 25.92 -8.19
CA THR A 377 -23.83 26.97 -9.20
C THR A 377 -22.93 26.57 -10.38
N PRO A 378 -23.38 26.78 -11.63
CA PRO A 378 -22.51 26.46 -12.77
C PRO A 378 -21.22 27.26 -12.72
N ARG A 379 -20.11 26.58 -13.02
CA ARG A 379 -18.79 27.22 -13.03
C ARG A 379 -17.81 26.31 -13.75
N GLN A 380 -16.61 26.84 -13.96
CA GLN A 380 -15.46 26.11 -14.49
C GLN A 380 -14.28 26.38 -13.57
N ASP A 381 -13.39 25.40 -13.45
CA ASP A 381 -12.27 25.49 -12.52
C ASP A 381 -11.12 24.66 -13.05
N ASP A 382 -9.90 25.20 -12.97
CA ASP A 382 -8.73 24.49 -13.46
C ASP A 382 -8.02 23.69 -12.36
N LEU A 383 -8.76 23.33 -11.32
CA LEU A 383 -8.23 22.48 -10.24
C LEU A 383 -7.51 21.26 -10.78
N LEU A 384 -6.29 21.02 -10.31
CA LEU A 384 -5.51 19.87 -10.75
C LEU A 384 -6.06 18.61 -10.07
N PHE A 385 -7.23 18.19 -10.55
CA PHE A 385 -8.01 17.09 -10.00
C PHE A 385 -7.48 15.75 -10.48
N SER A 386 -7.57 14.74 -9.63
CA SER A 386 -6.99 13.43 -9.89
C SER A 386 -8.05 12.36 -9.65
N ALA A 387 -7.82 11.17 -10.18
CA ALA A 387 -8.84 10.12 -10.13
C ALA A 387 -9.22 9.70 -8.71
N PRO A 388 -8.27 9.51 -7.76
CA PRO A 388 -8.68 9.15 -6.40
C PRO A 388 -9.43 10.25 -5.67
N ASP A 389 -9.50 11.46 -6.22
CA ASP A 389 -10.31 12.51 -5.62
C ASP A 389 -11.80 12.34 -5.88
N ILE A 390 -12.19 11.51 -6.85
CA ILE A 390 -13.60 11.43 -7.22
C ILE A 390 -14.44 10.97 -6.04
N TYR A 391 -14.09 9.81 -5.47
CA TYR A 391 -14.81 9.18 -4.39
C TYR A 391 -15.00 10.18 -3.24
N PRO A 392 -13.92 10.71 -2.61
CA PRO A 392 -14.15 11.61 -1.47
C PRO A 392 -14.86 12.89 -1.85
N THR A 393 -14.67 13.39 -3.06
CA THR A 393 -15.37 14.62 -3.44
C THR A 393 -16.88 14.38 -3.54
N LEU A 394 -17.28 13.26 -4.15
CA LEU A 394 -18.70 12.88 -4.19
C LEU A 394 -19.29 12.80 -2.78
N PHE A 395 -18.57 12.15 -1.85
CA PHE A 395 -19.05 12.07 -0.47
C PHE A 395 -19.18 13.46 0.15
N GLY A 396 -18.19 14.33 -0.07
CA GLY A 396 -18.30 15.70 0.43
C GLY A 396 -19.53 16.41 -0.11
N LEU A 397 -19.75 16.34 -1.42
CA LEU A 397 -20.89 16.99 -2.05
C LEU A 397 -22.21 16.52 -1.46
N MET A 398 -22.33 15.22 -1.18
CA MET A 398 -23.58 14.65 -0.71
C MET A 398 -23.78 14.79 0.80
N GLY A 399 -22.86 15.47 1.50
CA GLY A 399 -22.98 15.63 2.93
C GLY A 399 -22.50 14.42 3.72
N LEU A 400 -21.62 13.62 3.15
CA LEU A 400 -21.16 12.39 3.79
C LEU A 400 -19.65 12.40 4.05
N GLU A 401 -19.05 13.58 4.26
CA GLU A 401 -17.61 13.66 4.51
C GLU A 401 -17.16 12.75 5.64
N GLU A 402 -17.95 12.67 6.71
CA GLU A 402 -17.57 11.88 7.87
C GLU A 402 -17.49 10.40 7.55
N LEU A 403 -18.09 9.95 6.45
CA LEU A 403 -18.01 8.54 6.08
C LEU A 403 -16.79 8.22 5.23
N ILE A 404 -15.99 9.20 4.85
CA ILE A 404 -14.75 8.94 4.11
C ILE A 404 -13.75 8.27 5.05
N PRO A 405 -13.35 7.03 4.80
CA PRO A 405 -12.40 6.36 5.70
C PRO A 405 -10.99 6.91 5.53
N ASP A 406 -10.15 6.63 6.54
CA ASP A 406 -8.76 7.10 6.54
C ASP A 406 -7.95 6.48 5.41
N THR A 407 -8.38 5.33 4.90
CA THR A 407 -7.63 4.67 3.83
C THR A 407 -7.71 5.46 2.51
N VAL A 408 -8.64 6.40 2.39
CA VAL A 408 -8.75 7.16 1.15
C VAL A 408 -7.56 8.10 1.03
N GLU A 409 -6.84 8.03 -0.10
CA GLU A 409 -5.68 8.87 -0.33
C GLU A 409 -6.00 10.12 -1.13
N GLY A 410 -7.06 10.12 -1.92
CA GLY A 410 -7.49 11.33 -2.59
C GLY A 410 -8.11 12.32 -1.61
N THR A 411 -8.47 13.48 -2.16
CA THR A 411 -8.89 14.64 -1.37
C THR A 411 -10.33 15.01 -1.68
N ASN A 412 -11.07 15.43 -0.66
CA ASN A 412 -12.44 15.90 -0.82
C ASN A 412 -12.42 17.36 -1.30
N PHE A 413 -12.77 17.59 -2.56
CA PHE A 413 -12.81 18.95 -3.09
C PHE A 413 -14.23 19.47 -3.26
N ALA A 414 -15.17 18.98 -2.46
CA ALA A 414 -16.56 19.44 -2.58
C ALA A 414 -16.67 20.96 -2.46
N LYS A 415 -15.82 21.57 -1.63
CA LYS A 415 -15.86 23.02 -1.49
C LYS A 415 -15.52 23.72 -2.81
N THR A 416 -14.42 23.32 -3.45
CA THR A 416 -14.04 23.94 -4.72
C THR A 416 -15.13 23.75 -5.77
N VAL A 417 -15.68 22.53 -5.88
CA VAL A 417 -16.77 22.26 -6.81
C VAL A 417 -17.95 23.18 -6.55
N SER A 418 -18.24 23.44 -5.28
CA SER A 418 -19.36 24.28 -4.84
C SER A 418 -19.07 25.77 -4.90
N GLY A 419 -17.89 26.18 -5.35
CA GLY A 419 -17.52 27.58 -5.32
C GLY A 419 -17.22 28.15 -3.94
N ILE A 420 -16.83 27.32 -2.99
CA ILE A 420 -16.56 27.73 -1.61
C ILE A 420 -15.06 27.77 -1.36
N GLU A 421 -14.59 28.81 -0.68
CA GLU A 421 -13.17 28.91 -0.39
C GLU A 421 -12.75 27.88 0.65
N GLY A 422 -11.47 27.51 0.61
CA GLY A 422 -10.90 26.76 1.71
C GLY A 422 -10.10 25.52 1.37
N ASP A 423 -10.30 24.94 0.20
CA ASP A 423 -9.50 23.79 -0.20
C ASP A 423 -8.06 24.20 -0.44
N THR A 424 -7.14 23.26 -0.21
CA THR A 424 -5.77 23.40 -0.65
C THR A 424 -5.65 22.88 -2.08
N ARG A 425 -5.30 23.75 -3.01
CA ARG A 425 -5.31 23.38 -4.41
C ARG A 425 -4.03 22.61 -4.76
N PRO A 426 -4.14 21.46 -5.42
CA PRO A 426 -2.92 20.71 -5.78
C PRO A 426 -2.05 21.50 -6.73
N THR A 427 -0.74 21.30 -6.60
CA THR A 427 0.20 21.83 -7.58
C THR A 427 0.59 20.79 -8.63
N SER A 428 0.20 19.54 -8.47
CA SER A 428 0.55 18.54 -9.48
C SER A 428 -0.39 17.34 -9.41
N GLN A 429 -0.41 16.59 -10.50
CA GLN A 429 -1.09 15.32 -10.64
C GLN A 429 -0.05 14.25 -10.93
N LEU A 430 -0.14 13.13 -10.24
CA LEU A 430 0.77 12.01 -10.50
C LEU A 430 0.42 11.32 -11.81
N TYR A 431 1.46 10.90 -12.55
CA TYR A 431 1.30 10.00 -13.69
C TYR A 431 2.05 8.71 -13.37
N THR A 432 1.48 7.57 -13.76
CA THR A 432 2.16 6.30 -13.53
C THR A 432 1.83 5.28 -14.59
N PHE A 433 2.86 4.52 -14.97
CA PHE A 433 2.72 3.23 -15.66
C PHE A 433 3.45 2.19 -14.84
N MET A 434 2.76 1.10 -14.50
CA MET A 434 3.33 0.05 -13.66
C MET A 434 3.42 -1.24 -14.46
N PRO A 435 4.61 -1.74 -14.77
CA PRO A 435 4.68 -3.03 -15.46
C PRO A 435 4.34 -4.17 -14.52
N TYR A 436 3.71 -5.21 -15.08
CA TYR A 436 3.25 -6.34 -14.27
C TYR A 436 4.39 -6.89 -13.42
N GLY A 437 4.15 -6.97 -12.11
CA GLY A 437 5.14 -7.47 -11.19
C GLY A 437 6.30 -6.54 -10.88
N GLY A 438 6.34 -5.35 -11.46
CA GLY A 438 7.47 -4.45 -11.25
C GLY A 438 7.09 -3.12 -10.61
N GLN A 439 6.57 -3.18 -9.38
CA GLN A 439 6.08 -2.00 -8.67
C GLN A 439 7.18 -0.95 -8.44
N SER A 440 8.45 -1.35 -8.40
CA SER A 440 9.53 -0.39 -8.19
C SER A 440 10.07 0.19 -9.49
N TYR A 441 9.44 -0.09 -10.63
CA TYR A 441 10.00 0.29 -11.91
C TYR A 441 8.87 0.76 -12.82
N GLY A 442 9.20 1.06 -14.06
CA GLY A 442 8.22 1.60 -14.99
C GLY A 442 8.30 3.11 -15.05
N ARG A 443 7.19 3.73 -15.43
CA ARG A 443 7.16 5.18 -15.64
C ARG A 443 6.45 5.86 -14.47
N ARG A 444 7.01 6.98 -14.01
CA ARG A 444 6.32 7.91 -13.15
C ARG A 444 6.51 9.32 -13.67
N GLY A 445 5.65 10.23 -13.21
CA GLY A 445 5.73 11.58 -13.71
C GLY A 445 4.79 12.49 -12.95
N VAL A 446 4.86 13.77 -13.27
CA VAL A 446 3.97 14.74 -12.66
C VAL A 446 3.48 15.68 -13.77
N ARG A 447 2.25 16.16 -13.57
CA ARG A 447 1.65 17.19 -14.41
C ARG A 447 1.33 18.37 -13.51
N THR A 448 1.96 19.52 -13.78
CA THR A 448 1.68 20.76 -13.07
C THR A 448 0.84 21.65 -13.96
N ASP A 449 0.59 22.89 -13.51
CA ASP A 449 -0.18 23.81 -14.34
C ASP A 449 0.60 24.30 -15.55
N ARG A 450 1.84 23.83 -15.73
CA ARG A 450 2.69 24.27 -16.82
C ARG A 450 3.50 23.15 -17.48
N TYR A 451 3.87 22.10 -16.76
CA TYR A 451 4.78 21.10 -17.29
C TYR A 451 4.18 19.70 -17.13
N THR A 452 4.64 18.81 -18.00
CA THR A 452 4.48 17.38 -17.81
C THR A 452 5.86 16.76 -17.87
N LEU A 453 6.25 16.10 -16.79
CA LEU A 453 7.52 15.41 -16.70
C LEU A 453 7.25 13.91 -16.58
N MET A 454 7.93 13.10 -17.37
CA MET A 454 7.81 11.66 -17.28
C MET A 454 9.20 11.05 -17.24
N ILE A 455 9.39 10.09 -16.33
CA ILE A 455 10.66 9.41 -16.15
C ILE A 455 10.43 7.91 -16.25
N ASP A 456 11.22 7.24 -17.07
CA ASP A 456 11.17 5.79 -17.18
C ASP A 456 12.37 5.17 -16.48
N ARG A 457 12.12 4.12 -15.69
CA ARG A 457 13.14 3.48 -14.86
C ARG A 457 13.18 1.99 -15.16
N LYS A 458 14.31 1.52 -15.69
CA LYS A 458 14.59 0.11 -15.90
C LYS A 458 15.79 -0.30 -15.05
N ILE A 459 15.97 -1.61 -14.89
CA ILE A 459 17.13 -2.13 -14.17
C ILE A 459 18.33 -2.10 -15.10
N ALA A 460 19.44 -1.53 -14.60
CA ALA A 460 20.74 -1.51 -15.30
C ALA A 460 20.77 -0.59 -16.51
N LYS A 461 19.97 0.48 -16.49
CA LYS A 461 19.92 1.42 -17.60
C LYS A 461 19.80 2.83 -17.07
N PRO A 462 20.36 3.82 -17.78
CA PRO A 462 20.10 5.22 -17.42
C PRO A 462 18.61 5.52 -17.44
N LEU A 463 18.18 6.39 -16.54
CA LEU A 463 16.81 6.86 -16.57
C LEU A 463 16.58 7.67 -17.85
N THR A 464 15.43 7.48 -18.49
CA THR A 464 15.06 8.32 -19.62
C THR A 464 14.11 9.40 -19.13
N PHE A 465 14.36 10.64 -19.53
CA PHE A 465 13.54 11.78 -19.11
C PHE A 465 12.77 12.34 -20.31
N VAL A 466 11.50 12.64 -20.11
CA VAL A 466 10.69 13.34 -21.08
C VAL A 466 10.06 14.54 -20.37
N LEU A 467 10.28 15.73 -20.89
CA LEU A 467 9.76 16.95 -20.29
C LEU A 467 9.08 17.78 -21.37
N HIS A 468 7.84 18.20 -21.11
CA HIS A 468 7.10 19.08 -22.00
C HIS A 468 6.75 20.38 -21.27
N ASP A 469 6.99 21.50 -21.94
CA ASP A 469 6.44 22.80 -21.57
C ASP A 469 5.05 22.90 -22.22
N ASN A 470 3.99 22.62 -21.43
CA ASN A 470 2.64 22.64 -21.99
C ASN A 470 2.19 24.06 -22.33
N GLN A 471 2.89 25.08 -21.83
CA GLN A 471 2.58 26.47 -22.16
C GLN A 471 3.13 26.83 -23.55
N ASN A 472 4.44 26.69 -23.74
CA ASN A 472 5.05 26.99 -25.03
C ASN A 472 4.79 25.90 -26.06
N ASP A 473 4.50 24.68 -25.61
CA ASP A 473 4.40 23.52 -26.48
C ASP A 473 3.09 22.78 -26.17
N PRO A 474 1.95 23.40 -26.49
CA PRO A 474 0.65 22.86 -26.03
C PRO A 474 0.31 21.48 -26.56
N TYR A 475 0.96 21.04 -27.63
CA TYR A 475 0.71 19.71 -28.20
C TYR A 475 1.82 18.75 -27.91
N GLN A 476 2.77 19.14 -27.04
CA GLN A 476 3.75 18.23 -26.45
C GLN A 476 4.54 17.50 -27.53
N MET A 477 4.98 18.24 -28.54
CA MET A 477 5.75 17.69 -29.65
C MET A 477 7.25 17.79 -29.44
N THR A 478 7.71 18.46 -28.39
CA THR A 478 9.14 18.61 -28.17
C THR A 478 9.49 18.15 -26.76
N ASN A 479 10.53 17.36 -26.66
CA ASN A 479 11.10 16.97 -25.38
C ASN A 479 12.22 17.94 -25.04
N ILE A 480 12.03 18.74 -23.98
CA ILE A 480 13.05 19.69 -23.54
C ILE A 480 13.81 19.19 -22.32
N ALA A 481 13.86 17.87 -22.09
CA ALA A 481 14.54 17.37 -20.88
C ALA A 481 16.03 17.70 -20.87
N ASN A 482 16.72 17.56 -22.01
CA ASN A 482 18.15 17.88 -22.06
C ASN A 482 18.34 19.35 -21.75
N ASP A 483 19.35 19.64 -20.92
CA ASP A 483 19.67 21.01 -20.52
C ASP A 483 18.52 21.69 -19.79
N ASN A 484 17.67 20.88 -19.12
CA ASN A 484 16.76 21.37 -18.11
C ASN A 484 16.94 20.56 -16.81
N GLN A 485 18.19 20.23 -16.48
CA GLN A 485 18.47 19.46 -15.28
C GLN A 485 17.93 20.14 -14.04
N GLU A 486 18.11 21.46 -13.92
CA GLU A 486 17.72 22.16 -12.70
C GLU A 486 16.21 22.17 -12.52
N LEU A 487 15.45 22.47 -13.59
CA LEU A 487 13.99 22.44 -13.50
C LEU A 487 13.48 21.05 -13.18
N ILE A 488 14.03 20.03 -13.86
CA ILE A 488 13.62 18.66 -13.58
C ILE A 488 13.91 18.30 -12.14
N ALA A 489 15.07 18.72 -11.62
CA ALA A 489 15.40 18.46 -10.22
C ALA A 489 14.37 19.08 -9.28
N GLN A 490 13.95 20.31 -9.57
CA GLN A 490 12.94 20.96 -8.74
C GLN A 490 11.60 20.25 -8.81
N LEU A 491 11.17 19.86 -10.03
CA LEU A 491 9.92 19.11 -10.18
C LEU A 491 9.97 17.82 -9.38
N ILE A 492 11.08 17.09 -9.45
CA ILE A 492 11.23 15.86 -8.66
C ILE A 492 11.11 16.15 -7.17
N GLU A 493 11.76 17.21 -6.69
CA GLU A 493 11.83 17.46 -5.26
C GLU A 493 10.53 18.03 -4.72
N LYS A 494 9.87 18.90 -5.49
CA LYS A 494 8.64 19.56 -5.07
C LYS A 494 7.38 18.77 -5.41
N GLU A 495 7.41 17.91 -6.42
CA GLU A 495 6.14 17.31 -6.87
C GLU A 495 6.18 15.79 -6.85
N LEU A 496 7.14 15.18 -7.55
CA LEU A 496 7.10 13.74 -7.76
C LEU A 496 7.37 12.98 -6.47
N ILE A 497 8.51 13.25 -5.81
CA ILE A 497 8.80 12.59 -4.53
C ILE A 497 7.65 12.76 -3.54
N PRO A 498 7.12 13.97 -3.29
CA PRO A 498 6.00 14.07 -2.34
C PRO A 498 4.81 13.19 -2.70
N TRP A 499 4.44 13.10 -3.99
CA TRP A 499 3.37 12.17 -4.36
C TRP A 499 3.77 10.72 -4.12
N LEU A 500 5.00 10.35 -4.49
CA LEU A 500 5.44 8.97 -4.28
C LEU A 500 5.42 8.59 -2.81
N GLU A 501 5.89 9.51 -1.94
CA GLU A 501 5.87 9.24 -0.49
C GLU A 501 4.46 9.22 0.05
N LEU A 502 3.60 10.04 -0.47
CA LEU A 502 2.25 10.03 0.00
C LEU A 502 1.55 8.70 -0.28
N THR A 503 1.87 8.07 -1.40
CA THR A 503 1.17 6.87 -1.84
C THR A 503 1.89 5.59 -1.44
N GLY A 504 3.05 5.69 -0.79
CA GLY A 504 3.81 4.50 -0.47
C GLY A 504 4.54 3.88 -1.64
N ASP A 505 4.46 4.48 -2.83
CA ASP A 505 5.06 3.93 -4.04
C ASP A 505 6.58 3.84 -3.89
N PRO A 506 7.19 2.67 -4.12
CA PRO A 506 8.64 2.52 -3.90
C PRO A 506 9.50 2.97 -5.07
N TRP A 507 8.91 3.27 -6.23
CA TRP A 507 9.65 3.80 -7.36
C TRP A 507 10.44 5.05 -6.96
N ARG A 508 11.69 5.13 -7.41
CA ARG A 508 12.53 6.30 -7.14
C ARG A 508 13.33 6.61 -8.40
N PRO A 509 13.60 7.90 -8.67
CA PRO A 509 14.31 8.28 -9.89
C PRO A 509 15.81 8.08 -9.79
N THR A 510 16.24 6.82 -9.60
CA THR A 510 17.65 6.49 -9.54
C THR A 510 17.92 5.24 -10.36
N GLU A 511 19.13 5.15 -10.91
CA GLU A 511 19.55 3.93 -11.60
C GLU A 511 19.93 2.86 -10.59
N VAL A 512 19.70 1.60 -10.95
CA VAL A 512 20.13 0.51 -10.08
C VAL A 512 20.90 -0.51 -10.91
N PRO A 513 21.94 -1.14 -10.34
CA PRO A 513 22.76 -2.07 -11.11
C PRO A 513 22.03 -3.38 -11.38
N ALA A 514 22.57 -4.15 -12.33
CA ALA A 514 21.97 -5.42 -12.68
C ALA A 514 21.85 -6.34 -11.48
N SER A 515 22.72 -6.17 -10.49
CA SER A 515 22.76 -7.06 -9.32
C SER A 515 21.49 -7.00 -8.49
N VAL A 516 20.69 -5.93 -8.60
CA VAL A 516 19.50 -5.82 -7.78
C VAL A 516 18.50 -6.93 -8.10
N ALA A 517 18.52 -7.44 -9.35
CA ALA A 517 17.60 -8.49 -9.77
C ALA A 517 18.11 -9.89 -9.47
N LYS A 518 19.39 -10.00 -9.10
CA LYS A 518 20.00 -11.28 -8.70
C LYS A 518 19.12 -12.04 -7.71
N ALA A 519 18.56 -11.34 -6.73
CA ALA A 519 17.92 -12.00 -5.61
C ALA A 519 16.68 -12.78 -6.04
N TYR A 520 16.00 -12.34 -7.10
CA TYR A 520 14.76 -12.98 -7.52
C TYR A 520 14.70 -13.23 -9.02
N LYS B 46 -4.17 10.10 35.83
CA LYS B 46 -5.33 9.34 35.40
C LYS B 46 -5.13 8.72 34.00
N LYS B 47 -4.69 9.54 33.05
CA LYS B 47 -4.36 9.02 31.71
C LYS B 47 -3.09 8.18 31.81
N PRO B 48 -3.08 6.95 31.28
CA PRO B 48 -1.99 6.02 31.59
C PRO B 48 -0.70 6.35 30.86
N ASN B 49 0.42 6.11 31.56
CA ASN B 49 1.73 6.19 30.94
C ASN B 49 2.04 4.91 30.16
N LEU B 50 3.01 5.00 29.26
CA LEU B 50 3.42 3.88 28.42
C LEU B 50 4.94 3.79 28.41
N LEU B 51 5.47 2.65 28.87
CA LEU B 51 6.90 2.38 28.84
C LEU B 51 7.15 1.15 27.96
N ILE B 52 7.88 1.35 26.87
CA ILE B 52 8.24 0.26 25.95
C ILE B 52 9.74 0.09 26.01
N VAL B 53 10.20 -1.13 26.27
CA VAL B 53 11.61 -1.45 26.25
C VAL B 53 11.79 -2.60 25.29
N PHE B 54 12.65 -2.42 24.29
CA PHE B 54 12.84 -3.59 23.46
C PHE B 54 14.26 -3.67 22.94
N PRO B 55 14.93 -4.76 23.25
CA PRO B 55 16.26 -5.03 22.70
C PRO B 55 16.12 -5.57 21.30
N ASP B 56 17.24 -5.64 20.62
CA ASP B 56 17.30 -6.02 19.22
C ASP B 56 17.82 -7.45 19.12
N GLU B 57 17.18 -8.27 18.28
CA GLU B 57 17.72 -9.59 17.91
C GLU B 57 17.66 -10.59 19.07
N MET B 58 16.71 -10.42 19.97
CA MET B 58 16.53 -11.31 21.11
C MET B 58 15.37 -12.27 20.84
N ARG B 59 15.68 -13.55 20.62
CA ARG B 59 14.61 -14.50 20.36
C ARG B 59 13.88 -14.87 21.66
N ALA B 60 12.60 -15.24 21.49
CA ALA B 60 11.76 -15.62 22.63
C ALA B 60 12.41 -16.72 23.46
N HIS B 61 13.23 -17.56 22.82
CA HIS B 61 13.81 -18.72 23.48
C HIS B 61 14.85 -18.33 24.52
N THR B 62 15.34 -17.08 24.49
CA THR B 62 16.31 -16.61 25.47
C THR B 62 15.69 -16.30 26.82
N LEU B 63 14.37 -16.21 26.93
CA LEU B 63 13.77 -15.92 28.23
C LEU B 63 13.86 -17.16 29.12
N GLY B 64 14.48 -17.01 30.28
CA GLY B 64 14.70 -18.16 31.16
C GLY B 64 13.43 -18.94 31.47
N PHE B 65 12.32 -18.24 31.72
CA PHE B 65 11.08 -18.92 32.06
C PHE B 65 10.49 -19.73 30.91
N MET B 66 11.04 -19.61 29.69
CA MET B 66 10.59 -20.39 28.54
C MET B 66 11.12 -21.82 28.57
N ASN B 67 12.15 -22.10 29.37
CA ASN B 67 12.76 -23.43 29.45
C ASN B 67 13.30 -23.86 28.10
N GLN B 68 13.99 -22.94 27.43
CA GLN B 68 14.58 -23.25 26.13
C GLN B 68 16.09 -22.99 26.18
N ASP B 69 16.53 -21.77 25.84
CA ASP B 69 17.95 -21.46 25.90
C ASP B 69 18.42 -21.49 27.35
N ARG B 70 19.70 -21.81 27.54
CA ARG B 70 20.31 -21.83 28.87
C ARG B 70 20.75 -20.41 29.24
N SER B 71 19.79 -19.62 29.69
CA SER B 71 19.95 -18.18 29.88
C SER B 71 19.66 -17.79 31.32
N TYR B 72 20.26 -16.69 31.76
CA TYR B 72 19.95 -16.12 33.06
C TYR B 72 19.25 -14.79 32.84
N THR B 73 17.94 -14.78 33.07
CA THR B 73 17.14 -13.56 32.95
C THR B 73 16.25 -13.40 34.16
N PRO B 74 16.84 -13.19 35.35
CA PRO B 74 16.01 -13.11 36.57
C PRO B 74 15.04 -11.94 36.57
N ASN B 75 15.44 -10.79 36.02
CA ASN B 75 14.54 -9.64 36.07
C ASN B 75 13.36 -9.84 35.12
N LEU B 76 13.61 -10.42 33.95
CA LEU B 76 12.54 -10.69 33.00
C LEU B 76 11.68 -11.85 33.46
N ASN B 77 12.26 -12.82 34.18
CA ASN B 77 11.43 -13.91 34.72
C ASN B 77 10.44 -13.38 35.74
N LYS B 78 10.89 -12.50 36.63
CA LYS B 78 10.00 -11.90 37.63
C LYS B 78 8.96 -11.01 36.98
N PHE B 79 9.38 -10.20 36.00
CA PHE B 79 8.45 -9.37 35.23
C PHE B 79 7.36 -10.22 34.59
N ALA B 80 7.74 -11.38 34.04
CA ALA B 80 6.78 -12.25 33.37
C ALA B 80 5.71 -12.76 34.33
N LYS B 81 6.10 -13.12 35.57
CA LYS B 81 5.13 -13.63 36.54
C LYS B 81 4.09 -12.59 36.93
N GLU B 82 4.35 -11.32 36.62
CA GLU B 82 3.45 -10.23 36.94
C GLU B 82 2.74 -9.70 35.71
N SER B 83 2.94 -10.31 34.55
CA SER B 83 2.51 -9.77 33.28
C SER B 83 1.55 -10.72 32.57
N ALA B 84 0.94 -10.19 31.52
CA ALA B 84 0.26 -10.99 30.51
C ALA B 84 1.27 -11.30 29.42
N VAL B 85 1.56 -12.58 29.23
CA VAL B 85 2.65 -13.04 28.36
C VAL B 85 2.03 -13.68 27.11
N LEU B 86 2.45 -13.21 25.94
CA LEU B 86 2.03 -13.80 24.66
C LEU B 86 3.17 -14.68 24.17
N LYS B 87 3.03 -15.99 24.36
CA LYS B 87 4.12 -16.95 24.17
C LYS B 87 4.38 -17.27 22.71
N GLN B 88 3.48 -16.90 21.79
CA GLN B 88 3.60 -17.28 20.40
C GLN B 88 3.75 -16.06 19.48
N ALA B 89 4.08 -14.90 20.03
CA ALA B 89 4.20 -13.68 19.24
C ALA B 89 5.36 -13.80 18.26
N VAL B 90 5.18 -13.25 17.04
CA VAL B 90 6.21 -13.31 16.03
C VAL B 90 6.48 -11.92 15.43
N SER B 91 7.63 -11.81 14.80
CA SER B 91 8.00 -10.69 13.94
C SER B 91 7.86 -11.20 12.51
N ASN B 92 6.83 -10.72 11.81
CA ASN B 92 6.40 -11.32 10.55
C ASN B 92 7.43 -11.16 9.45
N PHE B 93 8.18 -10.04 9.46
CA PHE B 93 9.30 -9.79 8.57
C PHE B 93 10.48 -9.64 9.52
N PRO B 94 11.14 -10.76 9.92
CA PRO B 94 12.09 -10.67 11.04
C PRO B 94 13.39 -9.99 10.66
N LEU B 95 13.30 -8.66 10.52
CA LEU B 95 14.44 -7.78 10.22
C LEU B 95 14.17 -6.47 10.94
N THR B 97 14.48 -3.00 10.54
CA THR B 97 13.76 -1.84 10.02
C THR B 97 12.31 -2.23 9.61
N PRO B 98 12.10 -3.38 8.95
CA PRO B 98 10.69 -3.80 8.69
C PRO B 98 9.87 -3.91 9.96
N PHE B 99 10.43 -4.45 11.05
CA PHE B 99 9.66 -4.57 12.29
C PHE B 99 9.29 -3.20 12.85
N ARG B 100 10.27 -2.29 12.91
CA ARG B 100 10.02 -0.94 13.41
C ARG B 100 8.98 -0.22 12.56
N GLY B 101 9.02 -0.42 11.25
CA GLY B 101 7.93 0.06 10.41
C GLY B 101 6.57 -0.45 10.84
N MET B 102 6.48 -1.75 11.15
CA MET B 102 5.18 -2.32 11.57
C MET B 102 4.79 -1.82 12.95
N LEU B 103 5.77 -1.63 13.84
CA LEU B 103 5.48 -1.10 15.15
C LEU B 103 4.89 0.30 15.07
N MET B 104 5.46 1.17 14.24
CA MET B 104 5.04 2.57 14.20
C MET B 104 3.76 2.80 13.41
N THR B 105 3.44 1.93 12.44
CA THR B 105 2.29 2.15 11.57
C THR B 105 1.15 1.18 11.77
N GLY B 106 1.36 0.06 12.46
CA GLY B 106 0.36 -0.98 12.51
C GLY B 106 -0.06 -1.53 11.16
N GLN B 107 0.77 -1.34 10.14
CA GLN B 107 0.55 -1.87 8.80
C GLN B 107 1.59 -2.93 8.50
N TYR B 108 1.24 -3.85 7.61
CA TYR B 108 2.21 -4.83 7.14
C TYR B 108 3.16 -4.17 6.15
N PRO B 109 4.29 -4.82 5.83
CA PRO B 109 5.32 -4.14 5.04
C PRO B 109 4.87 -3.67 3.66
N TYR B 110 4.00 -4.40 2.95
CA TYR B 110 3.67 -3.98 1.60
C TYR B 110 3.12 -2.56 1.58
N ARG B 111 2.16 -2.26 2.45
CA ARG B 111 1.54 -0.94 2.40
C ARG B 111 2.30 0.12 3.20
N ASN B 112 3.10 -0.22 4.20
CA ASN B 112 3.83 0.86 4.84
C ASN B 112 5.11 1.21 4.08
N GLY B 113 5.53 0.38 3.13
CA GLY B 113 6.70 0.64 2.31
C GLY B 113 8.04 0.42 2.98
N ILE B 114 8.05 0.02 4.25
CA ILE B 114 9.31 -0.20 4.99
C ILE B 114 9.62 -1.69 4.86
N GLN B 115 10.41 -2.02 3.84
CA GLN B 115 10.49 -3.38 3.31
C GLN B 115 11.91 -3.92 3.30
N GLY B 116 12.83 -3.29 4.03
CA GLY B 116 14.20 -3.73 4.06
C GLY B 116 14.97 -2.82 4.98
N ASN B 117 16.29 -2.79 4.80
CA ASN B 117 17.12 -1.86 5.56
C ASN B 117 17.04 -0.46 4.97
N SER B 118 17.03 0.55 5.84
CA SER B 118 16.94 1.94 5.37
C SER B 118 18.34 2.54 5.22
N HIS B 119 19.14 1.94 4.34
CA HIS B 119 20.48 2.44 4.05
C HIS B 119 20.53 3.16 2.70
N THR B 120 21.64 3.85 2.46
CA THR B 120 21.84 4.64 1.27
C THR B 120 23.03 4.09 0.49
N ALA B 121 22.82 3.83 -0.80
CA ALA B 121 23.84 3.21 -1.63
C ALA B 121 24.96 4.19 -1.98
N MET B 122 26.16 3.63 -2.17
CA MET B 122 27.25 4.32 -2.83
C MET B 122 27.02 4.30 -4.34
N PRO B 123 27.69 5.17 -5.09
CA PRO B 123 27.51 5.16 -6.55
C PRO B 123 27.80 3.79 -7.13
N GLY B 124 26.92 3.33 -8.02
CA GLY B 124 27.00 2.01 -8.62
C GLY B 124 26.36 0.90 -7.81
N ASN B 125 25.81 1.20 -6.64
CA ASN B 125 25.22 0.22 -5.73
C ASN B 125 23.72 0.46 -5.61
N PHE B 126 23.02 -0.43 -4.90
CA PHE B 126 21.62 -0.20 -4.56
C PHE B 126 21.41 -0.28 -3.05
N GLY B 127 20.51 0.55 -2.56
CA GLY B 127 20.19 0.60 -1.15
C GLY B 127 18.70 0.82 -0.92
N GLY B 128 18.33 0.82 0.37
CA GLY B 128 16.94 1.09 0.72
C GLY B 128 16.43 2.40 0.13
N LYS B 129 17.30 3.41 0.07
CA LYS B 129 16.87 4.72 -0.42
C LYS B 129 16.38 4.66 -1.87
N ASP B 130 16.95 3.78 -2.68
CA ASP B 130 16.50 3.60 -4.06
C ASP B 130 15.10 3.03 -4.17
N PHE B 131 14.51 2.59 -3.05
CA PHE B 131 13.18 2.00 -3.08
C PHE B 131 12.28 2.58 -2.00
N GLY B 132 12.54 3.81 -1.56
CA GLY B 132 11.67 4.47 -0.60
C GLY B 132 11.62 3.85 0.78
N ILE B 133 12.62 3.05 1.15
CA ILE B 133 12.56 2.28 2.39
C ILE B 133 12.97 3.19 3.55
N GLU B 134 11.98 3.81 4.19
CA GLU B 134 12.21 4.75 5.28
C GLU B 134 10.85 5.19 5.81
N LEU B 135 10.78 5.59 7.08
CA LEU B 135 9.56 6.23 7.57
C LEU B 135 9.42 7.63 6.95
N LYS B 136 8.29 7.87 6.29
CA LYS B 136 8.07 9.15 5.62
C LYS B 136 7.67 10.22 6.63
N LYS B 137 8.08 11.46 6.34
CA LYS B 137 7.76 12.56 7.23
C LYS B 137 6.25 12.76 7.38
N SER B 138 5.48 12.50 6.32
CA SER B 138 4.04 12.71 6.34
C SER B 138 3.26 11.56 6.96
N THR B 139 3.89 10.43 7.23
CA THR B 139 3.21 9.30 7.85
C THR B 139 2.80 9.67 9.28
N ARG B 140 1.54 9.39 9.63
CA ARG B 140 1.07 9.60 10.99
C ARG B 140 1.20 8.29 11.76
N THR B 141 2.15 8.25 12.70
CA THR B 141 2.38 7.07 13.52
C THR B 141 1.56 7.13 14.80
N TRP B 142 1.59 6.05 15.60
CA TRP B 142 0.96 6.13 16.91
C TRP B 142 1.62 7.17 17.79
N SER B 143 2.91 7.44 17.59
CA SER B 143 3.57 8.44 18.42
C SER B 143 3.07 9.85 18.09
N ASP B 144 2.78 10.12 16.81
CA ASP B 144 2.15 11.40 16.45
C ASP B 144 0.81 11.55 17.14
N ILE B 145 0.02 10.48 17.15
CA ILE B 145 -1.32 10.49 17.73
C ILE B 145 -1.25 10.75 19.24
N LEU B 146 -0.43 9.97 19.94
CA LEU B 146 -0.27 10.17 21.39
C LEU B 146 0.18 11.58 21.71
N LYS B 147 1.10 12.14 20.90
CA LYS B 147 1.51 13.52 21.11
C LYS B 147 0.31 14.47 21.07
N ASP B 148 -0.55 14.33 20.03
CA ASP B 148 -1.75 15.17 19.94
C ASP B 148 -2.72 14.94 21.09
N GLN B 149 -2.72 13.75 21.70
CA GLN B 149 -3.49 13.51 22.92
C GLN B 149 -2.92 14.21 24.14
N GLY B 150 -1.80 14.94 24.04
CA GLY B 150 -1.24 15.62 25.18
C GLY B 150 -0.25 14.83 26.00
N TYR B 151 0.48 13.90 25.39
CA TYR B 151 1.52 13.17 26.06
C TYR B 151 2.86 13.90 25.96
N SER B 152 3.71 13.69 26.96
CA SER B 152 5.14 13.85 26.77
C SER B 152 5.68 12.56 26.15
N MET B 153 6.59 12.69 25.20
CA MET B 153 7.03 11.55 24.38
C MET B 153 8.55 11.52 24.31
N GLY B 154 9.14 10.41 24.74
CA GLY B 154 10.59 10.26 24.71
C GLY B 154 11.03 9.00 23.99
N TYR B 155 12.09 9.11 23.22
CA TYR B 155 12.68 7.99 22.49
C TYR B 155 14.17 7.91 22.82
N ILE B 156 14.59 6.77 23.38
CA ILE B 156 15.98 6.50 23.71
C ILE B 156 16.44 5.29 22.90
N GLY B 157 17.56 5.45 22.20
CA GLY B 157 18.24 4.31 21.62
C GLY B 157 18.18 4.26 20.11
N LYS B 158 18.06 3.06 19.57
CA LYS B 158 18.22 2.82 18.15
C LYS B 158 16.91 3.12 17.42
N TRP B 159 16.96 4.08 16.48
CA TRP B 159 15.79 4.49 15.70
C TRP B 159 15.65 3.62 14.44
N HIS B 160 16.67 3.63 13.59
CA HIS B 160 16.80 2.71 12.44
C HIS B 160 15.59 2.78 11.49
N LEU B 161 15.16 4.00 11.17
CA LEU B 161 14.01 4.19 10.30
C LEU B 161 14.22 5.24 9.21
N ASP B 162 15.38 5.89 9.15
CA ASP B 162 15.66 6.90 8.12
C ASP B 162 16.80 6.44 7.22
N THR B 163 16.72 6.82 5.93
CA THR B 163 17.87 6.63 5.06
C THR B 163 18.88 7.76 5.27
N PRO B 164 20.18 7.45 5.38
CA PRO B 164 21.18 8.52 5.56
C PRO B 164 21.22 9.45 4.35
N GLU B 165 21.52 10.72 4.63
CA GLU B 165 21.56 11.78 3.64
C GLU B 165 22.98 12.31 3.51
N ALA B 166 23.34 12.71 2.29
CA ALA B 166 24.66 13.33 2.08
C ALA B 166 24.60 14.81 2.43
N PRO B 167 25.73 15.39 2.90
CA PRO B 167 27.00 14.73 3.21
C PRO B 167 26.91 13.85 4.46
N PHE B 168 27.41 12.62 4.31
CA PHE B 168 27.19 11.61 5.34
C PHE B 168 28.06 11.89 6.55
N ILE B 169 27.45 11.80 7.74
CA ILE B 169 28.16 12.04 9.00
C ILE B 169 29.36 11.08 9.12
N PRO B 170 30.39 11.43 9.87
CA PRO B 170 31.45 10.45 10.15
C PRO B 170 30.88 9.27 10.93
N SER B 171 31.25 8.06 10.51
CA SER B 171 30.75 6.84 11.14
C SER B 171 31.48 5.64 10.55
N TYR B 172 31.77 4.63 11.37
CA TYR B 172 32.51 3.47 10.88
C TYR B 172 31.75 2.76 9.77
N ASN B 173 30.41 2.80 9.79
CA ASN B 173 29.59 2.18 8.77
C ASN B 173 29.13 3.17 7.69
N ASN B 174 29.79 4.31 7.59
CA ASN B 174 29.55 5.29 6.51
C ASN B 174 30.83 5.50 5.69
N PRO B 175 31.08 4.66 4.68
CA PRO B 175 30.23 3.55 4.25
C PRO B 175 30.71 2.22 4.78
N MET B 176 29.93 1.17 4.52
CA MET B 176 30.31 -0.20 4.85
C MET B 176 29.61 -1.13 3.87
N GLU B 177 30.38 -1.90 3.11
CA GLU B 177 29.84 -2.85 2.14
C GLU B 177 28.96 -2.16 1.11
N GLY B 178 29.42 -1.02 0.60
CA GLY B 178 28.76 -0.35 -0.49
C GLY B 178 27.64 0.60 -0.12
N ARG B 179 27.34 0.76 1.16
CA ARG B 179 26.20 1.58 1.58
C ARG B 179 26.57 2.41 2.81
N TYR B 180 25.85 3.51 2.98
CA TYR B 180 25.91 4.31 4.20
C TYR B 180 24.73 3.91 5.09
N TRP B 181 25.00 3.76 6.40
CA TRP B 181 24.04 3.19 7.32
C TRP B 181 23.57 4.14 8.43
N ASN B 182 24.36 5.14 8.81
CA ASN B 182 24.08 5.91 10.02
C ASN B 182 23.79 7.37 9.71
N ASP B 183 22.90 7.95 10.49
CA ASP B 183 22.63 9.39 10.42
C ASP B 183 21.83 9.74 11.66
N TRP B 184 21.77 11.04 11.96
CA TRP B 184 20.88 11.48 13.02
C TRP B 184 19.43 11.43 12.53
N THR B 185 18.50 11.84 13.38
CA THR B 185 17.13 12.09 12.97
C THR B 185 16.80 13.55 13.23
N ALA B 186 16.51 14.29 12.16
CA ALA B 186 16.28 15.72 12.29
C ALA B 186 15.01 15.98 13.10
N PRO B 187 14.93 17.13 13.76
CA PRO B 187 13.76 17.41 14.61
C PRO B 187 12.42 17.19 13.94
N ASP B 188 12.27 17.57 12.67
CA ASP B 188 10.96 17.46 12.03
C ASP B 188 10.61 16.04 11.61
N ARG B 189 11.48 15.06 11.92
CA ARG B 189 11.24 13.67 11.55
C ARG B 189 11.15 12.77 12.77
N ARG B 190 10.91 13.34 13.95
CA ARG B 190 10.88 12.57 15.17
C ARG B 190 9.47 12.17 15.57
N HIS B 191 8.47 12.52 14.77
CA HIS B 191 7.11 11.99 14.89
C HIS B 191 6.57 12.07 16.32
N GLY B 192 6.63 13.29 16.87
CA GLY B 192 6.04 13.57 18.15
C GLY B 192 6.93 13.30 19.36
N PHE B 193 8.11 12.73 19.17
CA PHE B 193 9.00 12.44 20.31
C PHE B 193 9.74 13.74 20.66
N ASP B 194 9.23 14.46 21.66
CA ASP B 194 9.80 15.75 22.01
C ASP B 194 11.06 15.63 22.87
N PHE B 195 11.28 14.48 23.52
CA PHE B 195 12.60 14.16 24.10
C PHE B 195 13.27 13.09 23.23
N TRP B 196 14.49 13.39 22.80
CA TRP B 196 15.23 12.58 21.83
C TRP B 196 16.60 12.22 22.39
N TYR B 197 16.95 10.93 22.35
CA TYR B 197 18.27 10.48 22.79
C TYR B 197 18.60 9.23 21.95
N ALA B 198 18.99 9.44 20.71
CA ALA B 198 18.85 8.34 19.75
C ALA B 198 19.83 8.46 18.59
N TYR B 199 19.99 7.35 17.88
CA TYR B 199 20.85 7.26 16.71
C TYR B 199 20.15 6.40 15.65
N GLY B 200 20.76 6.35 14.46
CA GLY B 200 20.21 5.60 13.35
C GLY B 200 20.58 4.12 13.35
N THR B 201 21.84 3.82 13.04
CA THR B 201 22.36 2.45 13.11
C THR B 201 23.82 2.51 13.50
N TYR B 202 24.19 1.77 14.55
CA TYR B 202 25.52 1.87 15.12
C TYR B 202 25.72 0.73 16.11
N ASP B 203 26.63 -0.20 15.82
CA ASP B 203 26.73 -1.44 16.59
C ASP B 203 27.94 -1.50 17.54
N LYS B 204 28.61 -0.37 17.80
CA LYS B 204 29.73 -0.39 18.75
C LYS B 204 29.17 -0.25 20.16
N HIS B 205 28.74 -1.39 20.73
CA HIS B 205 27.94 -1.37 21.96
C HIS B 205 28.69 -0.72 23.14
N LEU B 206 30.01 -0.72 23.12
CA LEU B 206 30.77 -0.14 24.25
C LEU B 206 31.17 1.32 24.04
N THR B 207 30.96 1.87 22.84
CA THR B 207 31.23 3.27 22.55
C THR B 207 30.12 3.83 21.68
N PRO B 208 28.89 3.92 22.20
CA PRO B 208 27.76 4.38 21.38
C PRO B 208 27.77 5.90 21.22
N ILE B 209 27.03 6.37 20.20
CA ILE B 209 26.90 7.81 19.94
C ILE B 209 25.41 8.16 19.83
N TYR B 210 25.04 9.34 20.33
CA TYR B 210 23.65 9.74 20.39
C TYR B 210 23.50 11.20 19.99
N TRP B 211 22.34 11.53 19.44
CA TRP B 211 21.88 12.91 19.26
C TRP B 211 20.70 13.19 20.20
N THR B 212 20.63 14.43 20.65
CA THR B 212 19.53 14.90 21.51
C THR B 212 19.02 16.23 20.97
N ASN B 213 18.04 16.81 21.66
CA ASN B 213 17.54 18.13 21.31
C ASN B 213 18.66 19.17 21.25
N GLU B 214 19.67 19.01 22.08
CA GLU B 214 20.74 19.99 22.21
C GLU B 214 21.88 19.79 21.22
N THR B 215 21.90 18.69 20.45
CA THR B 215 23.07 18.39 19.65
C THR B 215 22.82 18.70 18.18
N PRO B 216 23.67 19.49 17.55
CA PRO B 216 23.65 19.56 16.08
C PRO B 216 24.14 18.25 15.48
N ARG B 217 23.80 18.08 14.20
CA ARG B 217 24.13 16.84 13.47
C ARG B 217 25.63 16.53 13.53
N ASP B 218 26.47 17.57 13.56
CA ASP B 218 27.90 17.37 13.40
C ASP B 218 28.65 17.18 14.73
N GLN B 219 27.98 17.28 15.88
CA GLN B 219 28.60 16.94 17.16
C GLN B 219 27.64 16.12 18.02
N PRO B 220 27.56 14.83 17.77
CA PRO B 220 26.77 13.94 18.65
C PRO B 220 27.47 13.74 19.98
N ILE B 221 26.72 13.16 20.92
CA ILE B 221 27.26 12.74 22.19
C ILE B 221 28.02 11.43 21.98
N LYS B 222 29.29 11.39 22.38
CA LYS B 222 30.11 10.20 22.25
C LYS B 222 30.31 9.59 23.63
N VAL B 223 29.80 8.36 23.80
CA VAL B 223 29.71 7.71 25.11
C VAL B 223 30.77 6.63 25.21
N ASN B 224 31.27 6.40 26.43
CA ASN B 224 32.16 5.29 26.76
C ASN B 224 31.48 4.50 27.87
N GLN B 225 30.53 3.66 27.48
CA GLN B 225 29.69 2.95 28.43
C GLN B 225 28.87 1.97 27.61
N TRP B 226 28.55 0.79 28.14
CA TRP B 226 27.74 -0.16 27.40
C TRP B 226 26.36 0.44 27.13
N SER B 227 25.97 0.45 25.85
CA SER B 227 24.77 1.19 25.47
C SER B 227 23.54 0.87 26.33
N PRO B 228 23.21 -0.39 26.65
CA PRO B 228 22.02 -0.62 27.48
C PRO B 228 22.12 0.00 28.86
N GLU B 229 23.33 0.04 29.43
CA GLU B 229 23.48 0.71 30.72
C GLU B 229 23.31 2.22 30.57
N HIS B 230 23.99 2.82 29.60
CA HIS B 230 23.81 4.25 29.37
C HIS B 230 22.34 4.57 29.10
N GLU B 231 21.66 3.74 28.30
CA GLU B 231 20.27 4.03 27.98
C GLU B 231 19.39 3.89 29.20
N ALA B 232 19.66 2.89 30.06
CA ALA B 232 18.96 2.77 31.33
C ALA B 232 19.19 3.99 32.21
N ASP B 233 20.44 4.50 32.23
CA ASP B 233 20.72 5.75 32.93
C ASP B 233 19.85 6.89 32.43
N ILE B 234 19.77 7.07 31.10
CA ILE B 234 18.95 8.16 30.56
C ILE B 234 17.48 7.93 30.88
N ALA B 235 17.01 6.67 30.78
CA ALA B 235 15.61 6.40 31.05
C ALA B 235 15.25 6.71 32.49
N ILE B 236 16.16 6.39 33.43
CA ILE B 236 15.91 6.69 34.83
C ILE B 236 15.81 8.19 35.05
N LYS B 237 16.71 8.95 34.40
CA LYS B 237 16.63 10.40 34.45
C LYS B 237 15.33 10.92 33.82
N TYR B 238 14.89 10.30 32.74
CA TYR B 238 13.59 10.66 32.17
C TYR B 238 12.46 10.42 33.18
N LEU B 239 12.46 9.25 33.82
CA LEU B 239 11.39 8.94 34.78
C LEU B 239 11.45 9.86 35.99
N ARG B 240 12.66 10.14 36.50
CA ARG B 240 12.77 11.05 37.65
C ARG B 240 12.38 12.46 37.26
N ASN B 241 12.80 12.91 36.08
CA ASN B 241 12.41 14.20 35.54
C ASN B 241 12.81 15.34 36.49
N GLU B 242 13.98 15.20 37.11
CA GLU B 242 14.42 16.20 38.08
C GLU B 242 14.50 17.56 37.41
N ASN B 243 13.85 18.55 38.03
CA ASN B 243 13.77 19.93 37.55
C ASN B 243 13.06 20.06 36.21
N GLY B 244 12.23 19.08 35.84
CA GLY B 244 11.32 19.20 34.72
C GLY B 244 11.95 19.28 33.34
N HIS B 245 13.20 18.86 33.19
CA HIS B 245 13.89 19.01 31.91
C HIS B 245 13.44 17.98 30.87
N TYR B 246 12.93 16.82 31.29
CA TYR B 246 12.72 15.71 30.38
C TYR B 246 11.30 15.62 29.84
N ARG B 247 10.31 16.03 30.64
CA ARG B 247 8.91 15.84 30.30
C ARG B 247 8.10 16.81 31.15
N ASP B 248 6.82 16.92 30.79
CA ASP B 248 5.87 17.76 31.50
C ASP B 248 5.27 16.96 32.65
N ARG B 249 5.52 17.40 33.88
CA ARG B 249 5.06 16.68 35.07
C ARG B 249 3.55 16.48 35.08
N ASP B 250 2.80 17.33 34.38
CA ASP B 250 1.35 17.27 34.38
C ASP B 250 0.79 16.52 33.16
N LYS B 251 1.66 15.95 32.33
CA LYS B 251 1.20 15.14 31.21
C LYS B 251 1.56 13.68 31.43
N PRO B 252 0.72 12.75 30.97
CA PRO B 252 1.17 11.36 30.86
C PRO B 252 2.33 11.29 29.87
N PHE B 253 3.11 10.22 29.98
CA PHE B 253 4.30 10.11 29.15
C PHE B 253 4.31 8.78 28.43
N THR B 254 4.93 8.77 27.28
CA THR B 254 5.37 7.56 26.62
C THR B 254 6.88 7.62 26.52
N LEU B 255 7.55 6.57 26.98
CA LEU B 255 8.99 6.42 26.82
C LEU B 255 9.25 5.12 26.08
N VAL B 256 10.04 5.19 25.02
CA VAL B 256 10.51 4.01 24.30
C VAL B 256 12.00 3.93 24.49
N VAL B 257 12.48 2.78 24.97
CA VAL B 257 13.89 2.47 25.09
C VAL B 257 14.18 1.34 24.12
N SER B 258 14.96 1.62 23.09
CA SER B 258 15.28 0.64 22.06
C SER B 258 16.76 0.29 22.15
N MET B 259 17.05 -0.87 22.77
CA MET B 259 18.42 -1.29 23.00
C MET B 259 18.95 -2.09 21.81
N ASN B 260 20.26 -2.08 21.65
CA ASN B 260 20.88 -2.73 20.50
C ASN B 260 21.29 -4.16 20.86
N PRO B 261 22.14 -4.37 21.88
CA PRO B 261 22.35 -5.77 22.30
C PRO B 261 21.02 -6.50 22.60
N PRO B 262 20.93 -7.82 22.34
CA PRO B 262 21.96 -8.81 21.95
C PRO B 262 22.30 -8.91 20.47
N HIS B 263 21.96 -7.89 19.69
CA HIS B 263 22.41 -7.78 18.31
C HIS B 263 23.93 -7.86 18.24
N SER B 264 24.43 -8.46 17.16
CA SER B 264 25.86 -8.48 16.88
C SER B 264 26.43 -7.05 16.80
N PRO B 265 27.76 -6.89 16.96
CA PRO B 265 28.83 -7.88 17.09
C PRO B 265 28.87 -8.51 18.49
N TYR B 266 29.78 -9.46 18.69
CA TYR B 266 29.84 -10.23 19.91
C TYR B 266 31.09 -9.95 20.74
N ASP B 267 31.87 -8.93 20.37
CA ASP B 267 33.09 -8.55 21.10
C ASP B 267 32.95 -7.22 21.83
N GLN B 268 31.73 -6.84 22.19
CA GLN B 268 31.43 -5.59 22.89
C GLN B 268 30.55 -5.86 24.10
N VAL B 269 30.89 -6.89 24.86
CA VAL B 269 30.11 -7.32 26.02
C VAL B 269 30.93 -7.02 27.26
N PRO B 270 30.38 -6.32 28.26
CA PRO B 270 31.06 -6.20 29.54
C PRO B 270 31.50 -7.55 30.09
N GLN B 271 32.75 -7.59 30.58
CA GLN B 271 33.29 -8.82 31.15
C GLN B 271 32.43 -9.33 32.29
N LYS B 272 31.81 -8.41 33.03
CA LYS B 272 30.94 -8.78 34.14
C LYS B 272 29.87 -9.76 33.69
N TYR B 273 29.23 -9.45 32.56
CA TYR B 273 28.16 -10.31 32.08
C TYR B 273 28.71 -11.63 31.53
N LEU B 274 29.85 -11.59 30.84
CA LEU B 274 30.50 -12.82 30.41
C LEU B 274 30.84 -13.71 31.61
N ASP B 275 31.25 -13.10 32.74
CA ASP B 275 31.66 -13.87 33.92
C ASP B 275 30.52 -14.72 34.48
N LYS B 276 29.27 -14.32 34.24
CA LYS B 276 28.15 -15.14 34.69
C LYS B 276 28.18 -16.54 34.08
N PHE B 277 28.81 -16.68 32.92
CA PHE B 277 28.90 -17.94 32.20
C PHE B 277 30.29 -18.55 32.27
N ASP B 278 31.07 -18.18 33.30
CA ASP B 278 32.40 -18.75 33.49
C ASP B 278 32.31 -20.26 33.58
N GLY B 279 33.23 -20.93 32.90
CA GLY B 279 33.23 -22.39 32.87
C GLY B 279 32.39 -22.99 31.78
N GLU B 280 31.59 -22.19 31.07
CA GLU B 280 30.83 -22.65 29.92
C GLU B 280 31.50 -22.13 28.65
N THR B 281 31.13 -22.75 27.53
CA THR B 281 31.59 -22.35 26.21
C THR B 281 30.36 -22.20 25.32
N SER B 282 30.55 -21.66 24.12
CA SER B 282 29.44 -21.62 23.16
C SER B 282 28.95 -23.03 22.84
N ARG B 283 29.89 -23.98 22.69
CA ARG B 283 29.52 -25.37 22.46
C ARG B 283 28.71 -25.95 23.62
N SER B 284 29.08 -25.63 24.87
CA SER B 284 28.36 -26.24 25.98
C SER B 284 27.00 -25.60 26.22
N LEU B 285 26.79 -24.37 25.77
CA LEU B 285 25.53 -23.66 25.96
C LEU B 285 24.55 -23.82 24.79
N ASN B 286 25.05 -23.90 23.56
CA ASN B 286 24.21 -23.87 22.35
C ASN B 286 23.86 -25.30 21.95
N THR B 287 23.03 -25.93 22.78
CA THR B 287 22.74 -27.35 22.67
C THR B 287 21.46 -27.65 21.89
N ARG B 288 20.85 -26.67 21.25
CA ARG B 288 19.65 -26.94 20.47
C ARG B 288 19.93 -28.00 19.42
N PRO B 289 19.10 -29.05 19.31
CA PRO B 289 19.41 -30.15 18.39
C PRO B 289 19.58 -29.73 16.94
N ASN B 290 19.08 -28.57 16.54
CA ASN B 290 19.17 -28.18 15.13
C ASN B 290 20.38 -27.30 14.81
N VAL B 291 21.29 -27.08 15.77
CA VAL B 291 22.46 -26.27 15.47
C VAL B 291 23.37 -27.02 14.52
N GLN B 292 23.86 -26.33 13.49
CA GLN B 292 24.73 -26.89 12.47
C GLN B 292 26.09 -26.22 12.66
N TRP B 293 27.01 -26.93 13.32
CA TRP B 293 28.31 -26.34 13.64
C TRP B 293 29.24 -26.29 12.44
N ASP B 294 29.06 -27.17 11.45
CA ASP B 294 29.99 -27.26 10.34
C ASP B 294 29.49 -26.55 9.09
N GLN B 295 28.35 -25.86 9.18
CA GLN B 295 28.00 -24.93 8.11
C GLN B 295 29.04 -23.83 8.03
N GLU B 296 29.14 -23.23 6.85
CA GLU B 296 30.04 -22.10 6.62
C GLU B 296 29.33 -20.80 7.00
N TYR B 297 29.95 -20.02 7.90
CA TYR B 297 29.38 -18.80 8.43
C TYR B 297 30.27 -17.60 8.11
N LEU B 298 29.63 -16.45 7.85
CA LEU B 298 30.34 -15.19 7.73
C LEU B 298 31.20 -14.95 8.96
N GLU B 299 32.37 -14.38 8.74
CA GLU B 299 33.28 -14.10 9.85
C GLU B 299 32.59 -13.24 10.90
N GLY B 300 32.61 -13.71 12.15
CA GLY B 300 31.99 -12.98 13.24
C GLY B 300 30.54 -13.30 13.48
N TYR B 301 30.03 -14.41 12.93
CA TYR B 301 28.64 -14.79 13.11
C TYR B 301 28.57 -16.30 13.32
N GLY B 302 27.45 -16.75 13.90
CA GLY B 302 27.18 -18.16 13.96
C GLY B 302 27.24 -18.74 15.37
N PRO B 303 27.13 -20.06 15.44
CA PRO B 303 26.89 -20.70 16.74
C PRO B 303 28.04 -20.55 17.73
N GLU B 304 29.26 -20.33 17.25
CA GLU B 304 30.37 -20.21 18.20
C GLU B 304 30.31 -18.91 19.01
N TYR B 305 29.36 -18.02 18.72
CA TYR B 305 29.19 -16.78 19.47
C TYR B 305 28.02 -16.85 20.45
N PHE B 306 27.52 -18.05 20.72
CA PHE B 306 26.33 -18.20 21.55
C PHE B 306 26.57 -17.79 22.99
N LYS B 307 27.76 -18.09 23.53
CA LYS B 307 28.08 -17.60 24.87
C LYS B 307 27.97 -16.07 24.92
N GLU B 308 28.58 -15.38 23.95
CA GLU B 308 28.49 -13.93 23.92
C GLU B 308 27.03 -13.47 23.84
N TYR B 309 26.22 -14.18 23.05
CA TYR B 309 24.82 -13.83 22.91
C TYR B 309 24.08 -13.96 24.23
N MET B 310 24.27 -15.10 24.93
CA MET B 310 23.69 -15.29 26.25
C MET B 310 24.18 -14.24 27.25
N ALA B 311 25.45 -13.87 27.17
CA ALA B 311 25.96 -12.84 28.08
C ALA B 311 25.26 -11.51 27.86
N MET B 312 25.03 -11.14 26.59
CA MET B 312 24.32 -9.90 26.30
C MET B 312 22.88 -9.96 26.78
N VAL B 313 22.21 -11.08 26.57
CA VAL B 313 20.86 -11.28 27.08
C VAL B 313 20.82 -11.02 28.59
N HIS B 314 21.75 -11.65 29.31
CA HIS B 314 21.86 -11.45 30.75
C HIS B 314 22.09 -9.98 31.08
N GLY B 315 23.01 -9.34 30.34
CA GLY B 315 23.26 -7.92 30.54
C GLY B 315 22.04 -7.07 30.30
N VAL B 316 21.28 -7.37 29.24
CA VAL B 316 20.11 -6.55 28.95
C VAL B 316 19.06 -6.75 30.02
N ASP B 317 18.93 -8.00 30.51
CA ASP B 317 18.00 -8.29 31.60
C ASP B 317 18.33 -7.46 32.83
N ASP B 318 19.62 -7.36 33.18
CA ASP B 318 20.05 -6.52 34.29
C ASP B 318 19.59 -5.08 34.11
N GLN B 319 19.86 -4.49 32.94
CA GLN B 319 19.50 -3.09 32.71
C GLN B 319 18.00 -2.89 32.62
N PHE B 320 17.27 -3.83 32.02
CA PHE B 320 15.82 -3.77 32.07
C PHE B 320 15.33 -3.73 33.52
N GLY B 321 15.91 -4.59 34.37
CA GLY B 321 15.58 -4.55 35.79
C GLY B 321 15.77 -3.19 36.41
N ARG B 322 16.88 -2.51 36.06
CA ARG B 322 17.15 -1.18 36.62
C ARG B 322 16.05 -0.20 36.26
N ILE B 323 15.59 -0.21 35.01
CA ILE B 323 14.56 0.74 34.59
C ILE B 323 13.26 0.45 35.31
N ILE B 324 12.85 -0.82 35.36
CA ILE B 324 11.59 -1.18 35.99
C ILE B 324 11.63 -0.91 37.49
N ASP B 325 12.77 -1.16 38.13
CA ASP B 325 12.87 -0.88 39.57
C ASP B 325 12.71 0.60 39.85
N GLU B 326 13.28 1.47 39.00
CA GLU B 326 13.11 2.91 39.21
C GLU B 326 11.66 3.33 39.04
N LEU B 327 11.00 2.80 38.00
CA LEU B 327 9.59 3.08 37.80
C LEU B 327 8.77 2.67 39.02
N ASP B 328 9.03 1.49 39.58
CA ASP B 328 8.30 1.05 40.77
C ASP B 328 8.72 1.85 42.00
N ARG B 329 9.99 2.24 42.11
CA ARG B 329 10.42 3.05 43.25
C ARG B 329 9.73 4.41 43.25
N LEU B 330 9.46 4.96 42.06
CA LEU B 330 8.81 6.25 41.93
C LEU B 330 7.30 6.18 42.12
N GLY B 331 6.76 5.01 42.44
CA GLY B 331 5.33 4.86 42.61
C GLY B 331 4.52 4.99 41.33
N LEU B 332 5.14 4.73 40.16
CA LEU B 332 4.46 4.83 38.87
C LEU B 332 3.92 3.49 38.38
N THR B 333 3.97 2.44 39.22
CA THR B 333 3.68 1.09 38.76
C THR B 333 2.26 0.95 38.24
N GLU B 334 1.30 1.46 39.01
CA GLU B 334 -0.11 1.24 38.72
C GLU B 334 -0.65 2.13 37.62
N ASP B 335 0.06 3.21 37.27
CA ASP B 335 -0.36 4.12 36.21
C ASP B 335 0.41 3.95 34.91
N THR B 336 1.27 2.93 34.82
CA THR B 336 2.16 2.78 33.67
C THR B 336 1.98 1.40 33.07
N LEU B 337 1.58 1.36 31.80
CA LEU B 337 1.59 0.12 31.05
C LEU B 337 3.00 -0.12 30.54
N VAL B 338 3.59 -1.25 30.91
CA VAL B 338 4.96 -1.59 30.54
C VAL B 338 4.92 -2.76 29.55
N VAL B 339 5.60 -2.60 28.42
CA VAL B 339 5.60 -3.62 27.39
C VAL B 339 7.04 -3.95 27.02
N PHE B 340 7.34 -5.23 26.94
CA PHE B 340 8.66 -5.73 26.54
C PHE B 340 8.50 -6.63 25.32
N PHE B 341 9.29 -6.37 24.30
CA PHE B 341 9.38 -7.29 23.16
C PHE B 341 10.76 -7.12 22.53
N SER B 342 10.97 -7.80 21.41
CA SER B 342 12.15 -7.60 20.56
C SER B 342 11.67 -7.45 19.12
N ASP B 343 12.58 -7.00 18.22
CA ASP B 343 12.21 -6.81 16.81
C ASP B 343 12.27 -8.08 15.98
N HIS B 344 13.04 -9.08 16.40
CA HIS B 344 13.16 -10.38 15.73
C HIS B 344 14.08 -11.23 16.58
N GLY B 345 14.19 -12.51 16.22
CA GLY B 345 15.06 -13.44 16.92
C GLY B 345 16.43 -13.55 16.30
N CYS B 346 17.08 -14.68 16.58
CA CYS B 346 18.43 -14.89 16.09
C CYS B 346 18.70 -16.39 16.10
N CYS B 347 18.96 -16.98 14.92
CA CYS B 347 19.08 -18.43 14.85
C CYS B 347 20.34 -18.94 15.55
N MET B 348 21.43 -18.19 15.48
CA MET B 348 22.70 -18.57 16.13
C MET B 348 23.13 -19.98 15.70
N GLY B 349 22.94 -20.29 14.42
CA GLY B 349 23.34 -21.56 13.86
C GLY B 349 22.24 -22.58 13.78
N SER B 350 21.11 -22.35 14.43
CA SER B 350 19.98 -23.27 14.31
C SER B 350 19.60 -23.39 12.84
N ASN B 351 19.50 -24.64 12.38
CA ASN B 351 19.23 -24.96 10.98
C ASN B 351 20.15 -24.20 10.02
N GLY B 352 21.39 -23.97 10.46
CA GLY B 352 22.40 -23.46 9.55
C GLY B 352 22.29 -22.00 9.19
N LYS B 353 21.42 -21.25 9.86
CA LYS B 353 21.29 -19.81 9.62
C LYS B 353 21.96 -19.03 10.74
N PRO B 354 22.69 -17.95 10.42
CA PRO B 354 23.44 -17.22 11.45
C PRO B 354 22.57 -16.33 12.35
N THR B 355 21.61 -15.60 11.76
CA THR B 355 20.87 -14.59 12.53
C THR B 355 19.37 -14.63 12.22
N LYS B 356 18.89 -13.70 11.38
CA LYS B 356 17.45 -13.54 11.25
C LYS B 356 17.02 -13.56 9.78
N ASN B 357 15.89 -12.92 9.46
CA ASN B 357 15.43 -12.79 8.09
C ASN B 357 15.08 -14.14 7.45
N VAL B 358 14.62 -15.10 8.28
CA VAL B 358 14.20 -16.43 7.83
C VAL B 358 12.95 -16.83 8.60
N HIS B 359 12.27 -17.87 8.09
CA HIS B 359 10.99 -18.32 8.64
C HIS B 359 11.14 -19.18 9.89
N TYR B 360 12.35 -19.56 10.27
CA TYR B 360 12.51 -20.50 11.38
C TYR B 360 12.06 -19.89 12.69
N GLU B 361 11.65 -20.76 13.63
CA GLU B 361 11.16 -20.32 14.93
C GLU B 361 12.15 -19.41 15.63
N GLU B 362 13.44 -19.75 15.57
CA GLU B 362 14.46 -18.95 16.27
C GLU B 362 14.55 -17.53 15.76
N ALA B 363 14.11 -17.27 14.52
CA ALA B 363 14.13 -15.92 13.97
C ALA B 363 12.79 -15.21 14.13
N MET B 364 11.68 -15.93 14.02
CA MET B 364 10.36 -15.30 14.08
C MET B 364 9.86 -15.03 15.50
N ARG B 365 10.12 -15.95 16.45
CA ARG B 365 9.57 -15.84 17.79
C ARG B 365 10.26 -14.73 18.59
N ILE B 366 9.46 -13.82 19.14
CA ILE B 366 9.96 -12.68 19.90
C ILE B 366 9.28 -12.64 21.26
N PRO B 367 9.96 -12.16 22.30
CA PRO B 367 9.27 -11.89 23.58
C PRO B 367 8.15 -10.89 23.38
N MET B 368 7.18 -10.95 24.29
CA MET B 368 6.00 -10.10 24.22
C MET B 368 5.25 -10.18 25.54
N MET B 369 5.42 -9.17 26.39
CA MET B 369 4.83 -9.19 27.72
C MET B 369 4.29 -7.81 28.06
N PHE B 370 3.13 -7.78 28.70
CA PHE B 370 2.44 -6.55 29.08
C PHE B 370 2.22 -6.54 30.59
N ARG B 371 2.78 -5.56 31.28
CA ARG B 371 2.60 -5.44 32.72
C ARG B 371 1.82 -4.16 33.05
N TRP B 372 0.84 -4.30 33.93
CA TRP B 372 0.04 -3.18 34.40
C TRP B 372 -0.69 -3.63 35.67
N PRO B 373 0.01 -3.67 36.81
CA PRO B 373 -0.59 -4.27 38.02
C PRO B 373 -1.85 -3.54 38.45
N GLY B 374 -2.86 -4.32 38.83
CA GLY B 374 -4.17 -3.80 39.14
C GLY B 374 -5.11 -3.72 37.96
N LYS B 375 -4.61 -3.76 36.73
CA LYS B 375 -5.46 -3.77 35.55
C LYS B 375 -5.30 -5.01 34.69
N LEU B 376 -4.10 -5.58 34.59
CA LEU B 376 -3.85 -6.80 33.83
C LEU B 376 -3.49 -7.92 34.77
N THR B 377 -4.35 -8.93 34.83
CA THR B 377 -4.07 -10.12 35.61
C THR B 377 -2.96 -10.92 34.94
N PRO B 378 -1.97 -11.42 35.69
CA PRO B 378 -0.90 -12.22 35.06
C PRO B 378 -1.47 -13.46 34.38
N ARG B 379 -0.93 -13.78 33.20
CA ARG B 379 -1.38 -14.97 32.47
C ARG B 379 -0.40 -15.28 31.35
N GLN B 380 -0.60 -16.47 30.75
CA GLN B 380 0.15 -16.95 29.59
C GLN B 380 -0.88 -17.32 28.52
N ASP B 381 -0.64 -16.87 27.29
CA ASP B 381 -1.59 -17.07 26.20
C ASP B 381 -0.84 -17.46 24.92
N ASP B 382 -1.45 -18.37 24.14
CA ASP B 382 -0.80 -18.87 22.93
C ASP B 382 -1.36 -18.22 21.66
N LEU B 383 -2.03 -17.07 21.79
CA LEU B 383 -2.52 -16.30 20.64
C LEU B 383 -1.45 -16.12 19.57
N LEU B 384 -1.84 -16.31 18.30
CA LEU B 384 -0.91 -16.12 17.18
C LEU B 384 -0.81 -14.62 16.84
N PHE B 385 -0.08 -13.92 17.72
CA PHE B 385 0.07 -12.46 17.70
C PHE B 385 1.13 -12.04 16.68
N SER B 386 0.86 -10.95 15.96
CA SER B 386 1.72 -10.48 14.88
C SER B 386 2.20 -9.07 15.17
N ALA B 387 3.28 -8.67 14.49
CA ALA B 387 3.88 -7.36 14.78
C ALA B 387 2.94 -6.18 14.51
N PRO B 388 2.13 -6.15 13.44
CA PRO B 388 1.21 -5.01 13.27
C PRO B 388 0.13 -4.91 14.34
N ASP B 389 -0.09 -5.97 15.13
CA ASP B 389 -1.06 -5.95 16.23
C ASP B 389 -0.58 -5.17 17.45
N ILE B 390 0.72 -4.88 17.54
CA ILE B 390 1.25 -4.24 18.76
C ILE B 390 0.58 -2.89 18.99
N TYR B 391 0.67 -2.01 17.97
CA TYR B 391 0.09 -0.68 18.01
C TYR B 391 -1.38 -0.70 18.41
N PRO B 392 -2.30 -1.35 17.67
CA PRO B 392 -3.70 -1.29 18.08
C PRO B 392 -3.96 -1.97 19.42
N THR B 393 -3.25 -3.04 19.75
CA THR B 393 -3.43 -3.67 21.06
C THR B 393 -3.09 -2.72 22.20
N LEU B 394 -2.02 -1.94 22.04
CA LEU B 394 -1.63 -0.95 23.05
C LEU B 394 -2.68 0.15 23.16
N PHE B 395 -3.15 0.66 22.03
CA PHE B 395 -4.20 1.66 22.07
C PHE B 395 -5.45 1.10 22.75
N GLY B 396 -5.80 -0.15 22.44
CA GLY B 396 -6.89 -0.82 23.13
C GLY B 396 -6.70 -0.85 24.64
N LEU B 397 -5.57 -1.39 25.09
CA LEU B 397 -5.29 -1.45 26.53
C LEU B 397 -5.40 -0.08 27.19
N MET B 398 -5.02 0.98 26.50
CA MET B 398 -4.96 2.31 27.10
C MET B 398 -6.30 3.05 27.04
N GLY B 399 -7.35 2.39 26.55
CA GLY B 399 -8.63 3.04 26.37
C GLY B 399 -8.70 3.94 25.16
N LEU B 400 -7.80 3.75 24.19
CA LEU B 400 -7.71 4.64 23.04
C LEU B 400 -8.13 3.94 21.74
N GLU B 401 -8.98 2.91 21.82
CA GLU B 401 -9.33 2.17 20.61
C GLU B 401 -9.96 3.08 19.56
N GLU B 402 -10.74 4.07 19.99
CA GLU B 402 -11.37 4.99 19.04
C GLU B 402 -10.35 5.83 18.26
N LEU B 403 -9.09 5.87 18.68
CA LEU B 403 -8.08 6.59 17.95
C LEU B 403 -7.35 5.74 16.92
N ILE B 404 -7.60 4.44 16.86
CA ILE B 404 -6.92 3.60 15.86
C ILE B 404 -7.44 3.97 14.47
N PRO B 405 -6.60 4.48 13.56
CA PRO B 405 -7.11 4.86 12.24
C PRO B 405 -7.42 3.65 11.38
N ASP B 406 -8.23 3.89 10.34
CA ASP B 406 -8.64 2.81 9.44
C ASP B 406 -7.46 2.21 8.68
N THR B 407 -6.34 2.94 8.58
CA THR B 407 -5.17 2.44 7.88
C THR B 407 -4.47 1.30 8.64
N VAL B 408 -4.71 1.16 9.95
CA VAL B 408 -4.07 0.08 10.69
C VAL B 408 -4.61 -1.26 10.22
N GLU B 409 -3.71 -2.16 9.81
CA GLU B 409 -4.03 -3.51 9.38
C GLU B 409 -3.94 -4.56 10.47
N GLY B 410 -3.20 -4.30 11.54
CA GLY B 410 -3.18 -5.21 12.66
C GLY B 410 -4.46 -5.16 13.47
N THR B 411 -4.55 -6.07 14.42
CA THR B 411 -5.75 -6.26 15.23
C THR B 411 -5.49 -5.90 16.69
N ASN B 412 -6.49 -5.26 17.31
CA ASN B 412 -6.49 -4.89 18.71
C ASN B 412 -6.90 -6.09 19.56
N PHE B 413 -5.94 -6.70 20.25
CA PHE B 413 -6.19 -7.86 21.10
C PHE B 413 -6.19 -7.51 22.58
N ALA B 414 -6.59 -6.28 22.92
CA ALA B 414 -6.57 -5.86 24.32
C ALA B 414 -7.40 -6.79 25.20
N LYS B 415 -8.52 -7.31 24.68
CA LYS B 415 -9.35 -8.21 25.47
C LYS B 415 -8.58 -9.47 25.83
N THR B 416 -7.92 -10.09 24.83
CA THR B 416 -7.18 -11.32 25.09
C THR B 416 -6.06 -11.08 26.08
N VAL B 417 -5.36 -9.96 25.95
CA VAL B 417 -4.28 -9.65 26.87
C VAL B 417 -4.83 -9.44 28.27
N SER B 418 -6.03 -8.85 28.38
CA SER B 418 -6.70 -8.65 29.66
C SER B 418 -7.43 -9.90 30.16
N GLY B 419 -7.39 -11.01 29.44
CA GLY B 419 -8.07 -12.21 29.91
C GLY B 419 -9.57 -12.21 29.69
N ILE B 420 -10.08 -11.34 28.83
CA ILE B 420 -11.51 -11.25 28.54
C ILE B 420 -11.77 -12.00 27.24
N GLU B 421 -12.76 -12.90 27.26
CA GLU B 421 -13.08 -13.71 26.09
C GLU B 421 -13.79 -12.86 25.03
N GLY B 422 -13.66 -13.28 23.77
CA GLY B 422 -14.44 -12.66 22.72
C GLY B 422 -13.66 -12.20 21.50
N ASP B 423 -12.33 -12.14 21.60
CA ASP B 423 -11.53 -11.80 20.44
C ASP B 423 -11.54 -12.94 19.42
N THR B 424 -11.48 -12.59 18.14
CA THR B 424 -11.32 -13.56 17.08
C THR B 424 -9.87 -14.00 17.00
N ARG B 425 -9.58 -15.24 17.33
CA ARG B 425 -8.18 -15.69 17.35
C ARG B 425 -7.70 -15.93 15.92
N PRO B 426 -6.52 -15.42 15.56
CA PRO B 426 -5.94 -15.75 14.26
C PRO B 426 -5.63 -17.23 14.16
N THR B 427 -5.72 -17.77 12.95
CA THR B 427 -5.27 -19.12 12.67
C THR B 427 -3.88 -19.16 12.05
N SER B 428 -3.29 -18.01 11.74
CA SER B 428 -1.96 -18.03 11.17
C SER B 428 -1.29 -16.67 11.33
N GLN B 429 0.02 -16.69 11.16
CA GLN B 429 0.85 -15.49 11.11
C GLN B 429 1.57 -15.48 9.77
N LEU B 430 1.61 -14.32 9.13
CA LEU B 430 2.31 -14.18 7.86
C LEU B 430 3.82 -14.11 8.06
N TYR B 431 4.56 -14.84 7.21
CA TYR B 431 6.00 -14.65 7.06
C TYR B 431 6.27 -13.96 5.73
N THR B 432 7.28 -13.08 5.71
CA THR B 432 7.64 -12.47 4.43
C THR B 432 9.13 -12.16 4.38
N PHE B 433 9.71 -12.38 3.20
CA PHE B 433 11.00 -11.80 2.81
C PHE B 433 10.81 -11.08 1.49
N MET B 434 11.18 -9.81 1.44
CA MET B 434 10.95 -8.99 0.24
C MET B 434 12.30 -8.56 -0.33
N PRO B 435 12.69 -9.02 -1.51
CA PRO B 435 13.95 -8.56 -2.10
C PRO B 435 13.84 -7.09 -2.47
N TYR B 436 14.96 -6.37 -2.40
CA TYR B 436 14.96 -4.94 -2.75
C TYR B 436 14.41 -4.75 -4.15
N GLY B 437 13.37 -3.93 -4.25
CA GLY B 437 12.76 -3.66 -5.53
C GLY B 437 11.92 -4.77 -6.11
N GLY B 438 11.70 -5.86 -5.37
CA GLY B 438 10.87 -6.94 -5.90
C GLY B 438 9.65 -7.28 -5.06
N GLN B 439 8.72 -6.32 -4.94
CA GLN B 439 7.53 -6.52 -4.11
C GLN B 439 6.68 -7.71 -4.55
N SER B 440 6.77 -8.15 -5.80
CA SER B 440 5.95 -9.27 -6.26
C SER B 440 6.65 -10.61 -6.13
N TYR B 441 7.85 -10.65 -5.54
CA TYR B 441 8.66 -11.86 -5.51
C TYR B 441 9.24 -12.02 -4.11
N GLY B 442 10.09 -13.02 -3.95
CA GLY B 442 10.66 -13.32 -2.65
C GLY B 442 9.90 -14.45 -1.97
N ARG B 443 10.09 -14.53 -0.66
CA ARG B 443 9.50 -15.60 0.13
C ARG B 443 8.25 -15.10 0.84
N ARG B 444 7.23 -15.95 0.89
CA ARG B 444 6.04 -15.72 1.71
C ARG B 444 5.71 -17.01 2.41
N GLY B 445 4.99 -16.90 3.52
CA GLY B 445 4.66 -18.11 4.22
C GLY B 445 3.65 -17.86 5.30
N VAL B 446 3.30 -18.95 6.01
CA VAL B 446 2.31 -18.93 7.06
C VAL B 446 2.78 -19.83 8.19
N ARG B 447 2.54 -19.40 9.41
CA ARG B 447 2.81 -20.16 10.63
C ARG B 447 1.48 -20.32 11.36
N THR B 448 1.06 -21.57 11.54
CA THR B 448 -0.18 -21.90 12.23
C THR B 448 0.18 -22.48 13.59
N ASP B 449 -0.84 -22.96 14.32
CA ASP B 449 -0.52 -23.62 15.58
C ASP B 449 0.19 -24.95 15.38
N ARG B 450 0.40 -25.40 14.14
CA ARG B 450 1.06 -26.68 13.94
C ARG B 450 2.11 -26.67 12.84
N TYR B 451 1.96 -25.82 11.81
CA TYR B 451 2.83 -25.87 10.65
C TYR B 451 3.49 -24.52 10.39
N THR B 452 4.67 -24.57 9.78
CA THR B 452 5.25 -23.42 9.10
C THR B 452 5.44 -23.80 7.63
N LEU B 453 4.83 -23.04 6.74
CA LEU B 453 4.98 -23.22 5.30
C LEU B 453 5.66 -21.98 4.73
N MET B 454 6.71 -22.18 3.93
CA MET B 454 7.38 -21.08 3.25
C MET B 454 7.54 -21.37 1.76
N ILE B 455 7.24 -20.37 0.95
CA ILE B 455 7.29 -20.49 -0.49
C ILE B 455 8.18 -19.37 -1.02
N ASP B 456 9.10 -19.70 -1.91
CA ASP B 456 9.97 -18.72 -2.54
C ASP B 456 9.67 -18.63 -4.02
N ARG B 457 9.47 -17.41 -4.49
CA ARG B 457 9.03 -17.13 -5.87
C ARG B 457 10.10 -16.32 -6.59
N LYS B 458 10.61 -16.87 -7.69
CA LYS B 458 11.57 -16.17 -8.55
C LYS B 458 11.04 -16.17 -9.98
N ILE B 459 11.44 -15.17 -10.75
CA ILE B 459 11.04 -15.13 -12.15
C ILE B 459 11.64 -16.30 -12.91
N ALA B 460 10.80 -16.98 -13.70
CA ALA B 460 11.20 -18.06 -14.61
C ALA B 460 11.79 -19.26 -13.88
N LYS B 461 11.33 -19.51 -12.66
CA LYS B 461 11.71 -20.67 -11.87
C LYS B 461 10.48 -21.33 -11.28
N PRO B 462 10.48 -22.66 -11.18
CA PRO B 462 9.47 -23.32 -10.34
C PRO B 462 9.54 -22.79 -8.92
N LEU B 463 8.38 -22.77 -8.25
CA LEU B 463 8.33 -22.39 -6.84
C LEU B 463 9.04 -23.45 -5.99
N THR B 464 9.66 -23.01 -4.92
CA THR B 464 10.24 -23.89 -3.93
C THR B 464 9.37 -23.90 -2.67
N PHE B 465 9.21 -25.09 -2.08
CA PHE B 465 8.31 -25.28 -0.96
C PHE B 465 9.09 -25.84 0.22
N VAL B 466 8.89 -25.26 1.39
CA VAL B 466 9.43 -25.73 2.64
C VAL B 466 8.28 -25.84 3.63
N LEU B 467 8.08 -27.03 4.20
CA LEU B 467 7.01 -27.24 5.17
C LEU B 467 7.56 -27.95 6.39
N HIS B 468 7.23 -27.45 7.57
CA HIS B 468 7.65 -28.08 8.82
C HIS B 468 6.41 -28.44 9.62
N ASP B 469 6.38 -29.66 10.13
CA ASP B 469 5.43 -30.07 11.15
C ASP B 469 6.05 -29.69 12.49
N ASN B 470 5.68 -28.52 13.02
CA ASN B 470 6.31 -28.01 14.24
C ASN B 470 5.94 -28.85 15.47
N GLN B 471 4.90 -29.67 15.37
CA GLN B 471 4.52 -30.56 16.46
C GLN B 471 5.46 -31.76 16.54
N ASN B 472 5.57 -32.53 15.45
CA ASN B 472 6.40 -33.72 15.43
C ASN B 472 7.88 -33.42 15.15
N ASP B 473 8.18 -32.25 14.59
CA ASP B 473 9.54 -31.84 14.25
C ASP B 473 9.79 -30.48 14.91
N PRO B 474 9.91 -30.45 16.25
CA PRO B 474 9.90 -29.17 16.97
C PRO B 474 11.05 -28.24 16.58
N TYR B 475 12.17 -28.79 16.11
CA TYR B 475 13.32 -28.00 15.73
C TYR B 475 13.42 -27.82 14.23
N GLN B 476 12.36 -28.18 13.48
CA GLN B 476 12.22 -27.83 12.08
C GLN B 476 13.42 -28.29 11.26
N MET B 477 13.84 -29.53 11.49
CA MET B 477 14.99 -30.09 10.81
C MET B 477 14.62 -30.86 9.55
N THR B 478 13.34 -31.03 9.28
CA THR B 478 12.90 -31.81 8.12
C THR B 478 11.91 -31.00 7.30
N ASN B 479 12.10 -30.98 5.99
CA ASN B 479 11.15 -30.38 5.05
C ASN B 479 10.25 -31.50 4.53
N ILE B 480 8.97 -31.48 4.89
CA ILE B 480 8.03 -32.51 4.48
C ILE B 480 7.15 -32.05 3.31
N ALA B 481 7.57 -31.02 2.57
CA ALA B 481 6.71 -30.43 1.55
C ALA B 481 6.30 -31.43 0.48
N ASN B 482 7.22 -32.30 0.05
CA ASN B 482 6.94 -33.12 -1.12
C ASN B 482 5.87 -34.17 -0.85
N ASP B 483 5.74 -34.62 0.39
CA ASP B 483 4.75 -35.64 0.74
C ASP B 483 3.42 -35.05 1.20
N ASN B 484 3.25 -33.73 1.13
CA ASN B 484 2.06 -33.11 1.68
C ASN B 484 1.49 -32.08 0.71
N GLN B 485 1.38 -32.46 -0.57
CA GLN B 485 0.93 -31.50 -1.58
C GLN B 485 -0.45 -30.95 -1.26
N GLU B 486 -1.33 -31.80 -0.74
CA GLU B 486 -2.71 -31.40 -0.48
C GLU B 486 -2.81 -30.48 0.74
N LEU B 487 -2.02 -30.76 1.79
CA LEU B 487 -1.96 -29.87 2.93
C LEU B 487 -1.49 -28.47 2.52
N ILE B 488 -0.46 -28.42 1.66
CA ILE B 488 0.06 -27.13 1.22
C ILE B 488 -1.00 -26.36 0.45
N ALA B 489 -1.75 -27.04 -0.43
CA ALA B 489 -2.84 -26.37 -1.14
C ALA B 489 -3.85 -25.79 -0.15
N GLN B 490 -4.18 -26.54 0.90
CA GLN B 490 -5.12 -26.06 1.91
C GLN B 490 -4.56 -24.86 2.69
N LEU B 491 -3.26 -24.89 3.03
CA LEU B 491 -2.66 -23.75 3.73
C LEU B 491 -2.65 -22.50 2.86
N ILE B 492 -2.28 -22.64 1.59
CA ILE B 492 -2.32 -21.50 0.66
C ILE B 492 -3.73 -20.92 0.57
N GLU B 493 -4.74 -21.80 0.42
CA GLU B 493 -6.10 -21.30 0.20
C GLU B 493 -6.67 -20.68 1.48
N LYS B 494 -6.46 -21.32 2.62
CA LYS B 494 -7.09 -20.92 3.87
C LYS B 494 -6.32 -19.85 4.64
N GLU B 495 -5.00 -19.78 4.48
CA GLU B 495 -4.18 -18.90 5.32
C GLU B 495 -3.39 -17.88 4.51
N LEU B 496 -2.54 -18.31 3.57
CA LEU B 496 -1.62 -17.40 2.89
C LEU B 496 -2.35 -16.40 1.99
N ILE B 497 -3.15 -16.88 1.04
CA ILE B 497 -3.87 -15.95 0.16
C ILE B 497 -4.69 -14.93 0.94
N PRO B 498 -5.47 -15.31 1.96
CA PRO B 498 -6.20 -14.28 2.73
C PRO B 498 -5.33 -13.22 3.36
N TRP B 499 -4.17 -13.58 3.93
CA TRP B 499 -3.24 -12.56 4.42
C TRP B 499 -2.74 -11.67 3.30
N LEU B 500 -2.32 -12.26 2.18
CA LEU B 500 -1.86 -11.47 1.04
C LEU B 500 -2.93 -10.48 0.57
N GLU B 501 -4.20 -10.92 0.48
CA GLU B 501 -5.27 -10.00 0.08
C GLU B 501 -5.50 -8.92 1.13
N LEU B 502 -5.51 -9.31 2.41
CA LEU B 502 -5.65 -8.33 3.49
C LEU B 502 -4.57 -7.24 3.41
N THR B 503 -3.33 -7.63 3.14
CA THR B 503 -2.20 -6.70 3.12
C THR B 503 -1.96 -6.02 1.77
N GLY B 504 -2.73 -6.37 0.73
CA GLY B 504 -2.49 -5.81 -0.59
C GLY B 504 -1.25 -6.33 -1.29
N ASP B 505 -0.60 -7.34 -0.74
CA ASP B 505 0.64 -7.86 -1.28
C ASP B 505 0.38 -8.52 -2.63
N PRO B 506 1.09 -8.13 -3.71
CA PRO B 506 0.82 -8.71 -5.04
C PRO B 506 1.50 -10.05 -5.27
N TRP B 507 2.40 -10.49 -4.39
CA TRP B 507 2.97 -11.83 -4.47
C TRP B 507 1.85 -12.87 -4.57
N ARG B 508 2.02 -13.82 -5.47
CA ARG B 508 1.10 -14.94 -5.66
C ARG B 508 1.92 -16.19 -5.90
N PRO B 509 1.39 -17.41 -5.45
CA PRO B 509 2.15 -18.68 -5.58
C PRO B 509 2.01 -19.30 -6.97
N THR B 510 2.50 -18.57 -7.99
CA THR B 510 2.46 -19.06 -9.35
C THR B 510 3.80 -18.77 -10.02
N GLU B 511 4.16 -19.62 -10.98
CA GLU B 511 5.34 -19.39 -11.80
C GLU B 511 5.03 -18.38 -12.89
N VAL B 512 5.96 -17.49 -13.14
CA VAL B 512 5.82 -16.55 -14.24
C VAL B 512 7.04 -16.66 -15.15
N PRO B 513 6.87 -16.51 -16.46
CA PRO B 513 7.97 -16.74 -17.39
C PRO B 513 8.96 -15.58 -17.42
N ALA B 514 10.12 -15.86 -18.04
CA ALA B 514 11.18 -14.87 -18.13
C ALA B 514 10.70 -13.57 -18.79
N SER B 515 9.72 -13.67 -19.70
CA SER B 515 9.26 -12.49 -20.42
C SER B 515 8.67 -11.42 -19.52
N VAL B 516 8.22 -11.79 -18.31
CA VAL B 516 7.52 -10.82 -17.45
C VAL B 516 8.42 -9.64 -17.11
N ALA B 517 9.73 -9.86 -17.07
CA ALA B 517 10.68 -8.83 -16.66
C ALA B 517 11.20 -8.00 -17.82
N LYS B 518 10.80 -8.32 -19.06
CA LYS B 518 11.37 -7.62 -20.20
C LYS B 518 10.94 -6.15 -20.23
N ALA B 519 9.77 -5.84 -19.65
CA ALA B 519 9.27 -4.48 -19.65
C ALA B 519 10.13 -3.51 -18.84
N TYR B 520 10.95 -4.00 -17.89
CA TYR B 520 11.68 -3.08 -17.02
C TYR B 520 13.12 -3.53 -16.77
N THR B 521 13.76 -4.18 -17.74
CA THR B 521 15.17 -4.56 -17.57
C THR B 521 16.05 -4.08 -18.72
#